data_1A6D
#
_entry.id   1A6D
#
_cell.length_a   168.300
_cell.length_b   168.300
_cell.length_c   203.400
_cell.angle_alpha   90.00
_cell.angle_beta   90.00
_cell.angle_gamma   90.00
#
_symmetry.space_group_name_H-M   'I 4 2 2'
#
loop_
_entity.id
_entity.type
_entity.pdbx_description
1 polymer 'THERMOSOME (ALPHA SUBUNIT)'
2 polymer 'THERMOSOME (BETA SUBUNIT)'
#
loop_
_entity_poly.entity_id
_entity_poly.type
_entity_poly.pdbx_seq_one_letter_code
_entity_poly.pdbx_strand_id
1 'polypeptide(L)'
;MMTGQVPILVLKEGTQREQGKNAQRNNIEAAKAIADAVRTTLGPKGMDKMLVDSIGDIIISNDGATILKEMDVEHPTAKM
IVEVSKAQDTAVGDGTTTAVVLSGELLKQAETLLDQGVHPTVISNGYRLAVNEARKIIDEIAEKSTDDATLRKIALTALS
GKNTGLSNDFLADLVVKAVNAVAEVRDGKTIVDTANIKVDKKNGGSVNDTQFISGIVIDKEKVHSKMPDVVKNAKIALID
SALEIKKTEIEAKVQISDPSKIQDFLNQETNTFKQMVEKIKKSGANVVLCQKGIDDVAQHYLAKEGIYAVRRVKKSDMEK
LAKATGAKIVTDLDDLTPSVLGEAETVEERKIGDDRMTFVMGCKNPKAVSILIRGGTDHVVSEVERALNDAIRVVAITKE
DGKFLWGGGAVEAELAMRLAKYANSVGGREQLAIEAFAKALEIIPRTLAENAGIDPINTLIKLKADDEKGRISVGVDLDN
NGVGDMKAKGVVDPLRVKTHALESAVEVATMILRIDDVIASKKSTPPSGQGGQGQGMPGGGMPEY
;
A
2 'polypeptide(L)'
;MIAGQPIFILKEGTKRESGKDAMKENIEAAIAISNSVRSSLGPRGMDKMLVDSLGDIVITNDGVTILKEMDVEHPAAKMM
VEVSKTQDSFVGDGTTTAVIIAGGLLQQAQGLINQNVHPTVISEGYRMASEEAKRVIDEISTKIGADEKALLLKMAQTSL
NSKSASVAKDKLAEISYEAVKSVAELRDGKYYVDFDNIQVVKKQGGAIDDTQLINGIIVDKEKVHPGMPDVVKDAKIALL
DAPLEIKKPEFDTNLRIEDPSMIQKFLAQEENMLREMVDKIKSVGANVVITQKGIDDMAQHYLSRAGIYAVRRVKKSDMD
KLAKATGASIVSTIDEISSSDLGTAERVEQVKVGEDYMTFVTGCKNPKAVSILVRGETEHVVDEMERSITDSLHVVASAL
EDGAYAAGGGATAAEIAFRLRSYAQKIGGRQQLAIEKFADAIEEIPRALAENAGLDPIDILLKLRAEHAKGNKTYGINVF
TGEIEDMVKNGVIEPIRVGKQAIESATEAAIMILRIDDVIATKSSSSSSNPPKSGSSSESSED
;
B
#
# COMPACT_ATOMS: atom_id res chain seq x y z
N ARG A 17 -40.88 23.36 -5.72
CA ARG A 17 -40.68 24.55 -6.59
C ARG A 17 -40.55 25.82 -5.74
N GLU A 18 -39.64 26.73 -6.13
CA GLU A 18 -39.38 28.00 -5.44
C GLU A 18 -39.26 29.06 -6.52
N GLN A 19 -39.80 30.23 -6.26
CA GLN A 19 -39.75 31.32 -7.22
C GLN A 19 -39.09 32.54 -6.62
N GLY A 20 -38.59 33.38 -7.53
CA GLY A 20 -37.95 34.64 -7.19
C GLY A 20 -36.88 34.67 -6.13
N LYS A 21 -37.08 35.58 -5.19
CA LYS A 21 -36.15 35.78 -4.08
C LYS A 21 -35.86 34.49 -3.34
N ASN A 22 -36.91 33.77 -2.95
CA ASN A 22 -36.71 32.53 -2.23
C ASN A 22 -35.83 31.55 -3.05
N ALA A 23 -36.06 31.45 -4.35
CA ALA A 23 -35.29 30.56 -5.20
C ALA A 23 -33.82 30.97 -5.27
N GLN A 24 -33.58 32.26 -5.42
CA GLN A 24 -32.24 32.78 -5.52
C GLN A 24 -31.43 32.77 -4.23
N ARG A 25 -32.00 33.28 -3.14
CA ARG A 25 -31.27 33.32 -1.88
C ARG A 25 -30.87 31.91 -1.52
N ASN A 26 -31.76 30.98 -1.81
CA ASN A 26 -31.53 29.56 -1.54
C ASN A 26 -30.39 28.97 -2.34
N ASN A 27 -30.34 29.28 -3.64
CA ASN A 27 -29.31 28.78 -4.53
C ASN A 27 -27.94 29.28 -4.10
N ILE A 28 -27.89 30.57 -3.76
CA ILE A 28 -26.66 31.19 -3.29
C ILE A 28 -26.22 30.49 -2.00
N GLU A 29 -27.14 30.31 -1.07
CA GLU A 29 -26.83 29.65 0.19
C GLU A 29 -26.23 28.28 -0.07
N ALA A 30 -26.81 27.54 -1.01
CA ALA A 30 -26.29 26.20 -1.34
C ALA A 30 -24.85 26.28 -1.86
N ALA A 31 -24.61 27.15 -2.82
CA ALA A 31 -23.28 27.29 -3.38
C ALA A 31 -22.27 27.55 -2.28
N LYS A 32 -22.60 28.46 -1.38
CA LYS A 32 -21.70 28.79 -0.28
C LYS A 32 -21.41 27.59 0.61
N ALA A 33 -22.41 26.76 0.85
CA ALA A 33 -22.23 25.60 1.70
C ALA A 33 -21.21 24.61 1.18
N ILE A 34 -21.26 24.34 -0.13
CA ILE A 34 -20.34 23.39 -0.71
C ILE A 34 -18.94 23.97 -0.79
N ALA A 35 -18.84 25.28 -0.91
CA ALA A 35 -17.52 25.89 -0.97
C ALA A 35 -16.87 25.73 0.39
N ASP A 36 -17.66 25.90 1.44
CA ASP A 36 -17.16 25.74 2.79
C ASP A 36 -16.59 24.35 3.01
N ALA A 37 -17.19 23.35 2.38
CA ALA A 37 -16.75 21.95 2.51
C ALA A 37 -15.34 21.67 2.02
N VAL A 38 -14.81 22.51 1.14
CA VAL A 38 -13.46 22.31 0.62
C VAL A 38 -12.49 23.41 1.03
N ARG A 39 -13.06 24.52 1.45
CA ARG A 39 -12.28 25.69 1.85
C ARG A 39 -10.94 25.42 2.52
N THR A 40 -10.96 24.74 3.66
CA THR A 40 -9.75 24.44 4.42
C THR A 40 -8.68 23.57 3.75
N THR A 41 -8.89 23.16 2.50
CA THR A 41 -7.87 22.35 1.84
C THR A 41 -6.89 23.26 1.10
N LEU A 42 -7.21 24.54 1.03
CA LEU A 42 -6.38 25.49 0.30
C LEU A 42 -5.00 25.82 0.87
N GLY A 43 -3.98 25.53 0.09
CA GLY A 43 -2.63 25.86 0.48
C GLY A 43 -1.73 24.86 1.18
N PRO A 44 -0.52 25.31 1.56
CA PRO A 44 0.53 24.57 2.25
C PRO A 44 0.07 24.09 3.59
N LYS A 45 -0.89 24.79 4.16
CA LYS A 45 -1.41 24.43 5.46
C LYS A 45 -2.82 23.91 5.31
N GLY A 46 -3.05 23.12 4.28
CA GLY A 46 -4.37 22.58 4.08
C GLY A 46 -4.62 21.36 4.94
N MET A 47 -5.89 21.16 5.32
CA MET A 47 -6.31 20.04 6.10
C MET A 47 -6.86 18.99 5.18
N ASP A 48 -7.08 17.79 5.71
CA ASP A 48 -7.62 16.69 4.93
C ASP A 48 -9.04 16.46 5.35
N LYS A 49 -9.78 15.73 4.51
CA LYS A 49 -11.17 15.38 4.80
C LYS A 49 -11.22 13.87 4.76
N MET A 50 -12.01 13.28 5.64
CA MET A 50 -12.15 11.83 5.62
C MET A 50 -13.54 11.59 5.06
N LEU A 51 -13.60 10.85 3.97
CA LEU A 51 -14.86 10.55 3.32
C LEU A 51 -15.11 9.07 3.54
N VAL A 52 -16.25 8.75 4.14
CA VAL A 52 -16.60 7.36 4.41
C VAL A 52 -17.93 6.97 3.76
N ASP A 53 -17.96 5.81 3.10
CA ASP A 53 -19.19 5.33 2.44
C ASP A 53 -19.94 4.21 3.20
N SER A 54 -20.15 3.09 2.53
CA SER A 54 -20.83 1.92 3.06
C SER A 54 -19.92 0.67 2.95
N ILE A 55 -19.59 0.28 1.70
CA ILE A 55 -18.74 -0.89 1.43
C ILE A 55 -17.23 -0.64 1.22
N GLY A 56 -16.84 0.03 0.12
CA GLY A 56 -15.42 0.30 -0.15
C GLY A 56 -14.77 0.89 1.09
N ASP A 57 -15.35 2.00 1.51
CA ASP A 57 -15.01 2.71 2.72
C ASP A 57 -14.34 4.07 2.84
N ILE A 58 -13.25 4.14 3.59
CA ILE A 58 -12.58 5.43 3.86
C ILE A 58 -11.61 5.96 2.82
N ILE A 59 -11.73 7.26 2.55
CA ILE A 59 -10.84 7.96 1.64
C ILE A 59 -10.40 9.20 2.40
N ILE A 60 -9.10 9.44 2.43
CA ILE A 60 -8.59 10.61 3.11
C ILE A 60 -7.81 11.38 2.05
N SER A 61 -8.24 12.59 1.76
CA SER A 61 -7.57 13.39 0.76
C SER A 61 -7.58 14.87 1.06
N ASN A 62 -6.72 15.58 0.36
CA ASN A 62 -6.61 17.02 0.46
C ASN A 62 -7.03 17.51 -0.94
N ASP A 63 -7.06 16.60 -1.90
CA ASP A 63 -7.44 16.93 -3.26
C ASP A 63 -8.92 17.35 -3.32
N GLY A 64 -9.15 18.56 -3.79
CA GLY A 64 -10.50 19.08 -3.89
C GLY A 64 -11.38 18.38 -4.89
N ALA A 65 -10.83 17.96 -6.03
CA ALA A 65 -11.59 17.27 -7.05
C ALA A 65 -12.06 15.92 -6.50
N THR A 66 -11.17 15.21 -5.82
CA THR A 66 -11.49 13.92 -5.19
C THR A 66 -12.60 14.13 -4.17
N ILE A 67 -12.40 15.05 -3.25
CA ILE A 67 -13.42 15.30 -2.26
C ILE A 67 -14.78 15.55 -2.86
N LEU A 68 -14.87 16.45 -3.85
CA LEU A 68 -16.17 16.75 -4.46
C LEU A 68 -16.75 15.61 -5.27
N LYS A 69 -15.93 14.91 -6.04
CA LYS A 69 -16.39 13.77 -6.82
C LYS A 69 -17.02 12.71 -5.90
N GLU A 70 -16.42 12.53 -4.72
CA GLU A 70 -16.90 11.55 -3.73
C GLU A 70 -18.10 12.05 -2.91
N MET A 71 -18.09 13.32 -2.53
CA MET A 71 -19.16 13.89 -1.74
C MET A 71 -20.56 13.53 -2.20
N ASP A 72 -21.45 13.41 -1.23
CA ASP A 72 -22.83 13.06 -1.47
C ASP A 72 -23.63 14.35 -1.38
N VAL A 73 -23.57 15.10 -2.47
CA VAL A 73 -24.27 16.35 -2.54
C VAL A 73 -25.71 16.06 -2.92
N GLU A 74 -26.64 16.68 -2.21
CA GLU A 74 -28.07 16.47 -2.45
C GLU A 74 -28.68 17.58 -3.32
N HIS A 75 -28.52 18.81 -2.88
CA HIS A 75 -29.05 19.99 -3.55
C HIS A 75 -28.59 20.13 -5.00
N PRO A 76 -29.50 20.47 -5.94
CA PRO A 76 -29.19 20.63 -7.38
C PRO A 76 -28.12 21.69 -7.64
N THR A 77 -28.28 22.86 -7.03
CA THR A 77 -27.34 23.97 -7.17
C THR A 77 -25.95 23.58 -6.68
N ALA A 78 -25.90 22.70 -5.68
CA ALA A 78 -24.63 22.23 -5.19
C ALA A 78 -24.10 21.18 -6.18
N LYS A 79 -24.99 20.42 -6.81
CA LYS A 79 -24.54 19.43 -7.78
C LYS A 79 -23.90 20.14 -8.96
N MET A 80 -24.31 21.38 -9.19
CA MET A 80 -23.73 22.17 -10.29
C MET A 80 -22.30 22.65 -9.99
N ILE A 81 -22.03 23.14 -8.78
CA ILE A 81 -20.68 23.58 -8.35
C ILE A 81 -19.73 22.38 -8.40
N VAL A 82 -20.20 21.25 -7.89
CA VAL A 82 -19.45 20.01 -7.89
C VAL A 82 -19.01 19.62 -9.30
N GLU A 83 -19.74 20.04 -10.33
CA GLU A 83 -19.36 19.71 -11.71
C GLU A 83 -17.98 20.24 -12.09
N VAL A 84 -17.48 21.24 -11.36
CA VAL A 84 -16.15 21.80 -11.64
C VAL A 84 -15.05 20.75 -11.40
N SER A 85 -15.34 19.71 -10.63
CA SER A 85 -14.36 18.67 -10.36
C SER A 85 -14.07 17.88 -11.61
N LYS A 86 -14.94 18.00 -12.60
CA LYS A 86 -14.79 17.28 -13.88
C LYS A 86 -14.22 18.10 -15.02
N ALA A 87 -14.11 19.42 -14.85
CA ALA A 87 -13.53 20.27 -15.88
C ALA A 87 -12.03 20.02 -15.81
N GLN A 88 -11.55 19.05 -16.59
CA GLN A 88 -10.14 18.65 -16.65
C GLN A 88 -9.11 19.75 -16.63
N ASP A 89 -9.47 20.92 -17.17
CA ASP A 89 -8.55 22.06 -17.22
C ASP A 89 -8.36 22.84 -15.93
N THR A 90 -9.31 22.66 -15.01
CA THR A 90 -9.36 23.31 -13.70
C THR A 90 -9.00 22.37 -12.55
N ALA A 91 -9.55 21.16 -12.60
CA ALA A 91 -9.34 20.15 -11.57
C ALA A 91 -7.95 19.55 -11.45
N VAL A 92 -6.97 20.39 -11.19
CA VAL A 92 -5.61 19.92 -11.01
C VAL A 92 -5.01 20.80 -9.91
N GLY A 93 -4.66 20.15 -8.83
CA GLY A 93 -4.10 20.85 -7.69
C GLY A 93 -5.18 21.64 -7.00
N ASP A 94 -4.84 22.88 -6.66
CA ASP A 94 -5.77 23.74 -5.97
C ASP A 94 -6.74 24.44 -6.94
N GLY A 95 -6.67 24.07 -8.22
CA GLY A 95 -7.57 24.68 -9.18
C GLY A 95 -9.02 24.47 -8.79
N THR A 96 -9.33 23.27 -8.35
CA THR A 96 -10.69 22.95 -7.96
C THR A 96 -11.16 23.74 -6.77
N THR A 97 -10.39 23.75 -5.69
CA THR A 97 -10.79 24.50 -4.52
C THR A 97 -10.87 26.01 -4.80
N THR A 98 -10.03 26.49 -5.71
CA THR A 98 -10.01 27.90 -6.08
C THR A 98 -11.29 28.27 -6.83
N ALA A 99 -11.66 27.47 -7.82
CA ALA A 99 -12.87 27.69 -8.60
C ALA A 99 -14.12 27.61 -7.73
N VAL A 100 -14.24 26.59 -6.89
CA VAL A 100 -15.41 26.43 -6.02
C VAL A 100 -15.52 27.56 -5.01
N VAL A 101 -14.43 27.86 -4.32
CA VAL A 101 -14.44 28.93 -3.33
C VAL A 101 -14.80 30.27 -3.97
N LEU A 102 -14.26 30.53 -5.16
CA LEU A 102 -14.55 31.77 -5.88
C LEU A 102 -16.03 31.85 -6.34
N SER A 103 -16.60 30.74 -6.84
CA SER A 103 -18.01 30.75 -7.26
C SER A 103 -18.86 31.14 -6.07
N GLY A 104 -18.52 30.56 -4.92
CA GLY A 104 -19.24 30.81 -3.68
C GLY A 104 -19.18 32.28 -3.35
N GLU A 105 -18.00 32.87 -3.48
CA GLU A 105 -17.84 34.29 -3.16
C GLU A 105 -18.51 35.18 -4.20
N LEU A 106 -18.42 34.82 -5.47
CA LEU A 106 -19.07 35.58 -6.54
C LEU A 106 -20.59 35.61 -6.28
N LEU A 107 -21.17 34.46 -5.91
CA LEU A 107 -22.61 34.39 -5.61
C LEU A 107 -22.96 35.14 -4.34
N LYS A 108 -22.08 35.06 -3.35
CA LYS A 108 -22.27 35.76 -2.08
C LYS A 108 -22.25 37.25 -2.35
N GLN A 109 -21.18 37.75 -2.98
CA GLN A 109 -21.09 39.18 -3.30
C GLN A 109 -22.27 39.67 -4.16
N ALA A 110 -22.83 38.78 -4.99
CA ALA A 110 -23.94 39.15 -5.83
C ALA A 110 -25.14 39.43 -4.97
N GLU A 111 -25.40 38.56 -4.00
CA GLU A 111 -26.56 38.73 -3.12
C GLU A 111 -26.74 40.15 -2.63
N THR A 112 -25.66 40.82 -2.38
CA THR A 112 -25.74 42.19 -1.91
C THR A 112 -26.34 43.08 -2.99
N LEU A 113 -25.86 42.91 -4.22
CA LEU A 113 -26.31 43.70 -5.35
C LEU A 113 -27.74 43.42 -5.67
N LEU A 114 -28.16 42.16 -5.54
CA LEU A 114 -29.55 41.81 -5.80
C LEU A 114 -30.43 42.57 -4.80
N ASP A 115 -29.95 42.62 -3.56
CA ASP A 115 -30.65 43.32 -2.48
C ASP A 115 -30.86 44.80 -2.78
N GLN A 116 -29.82 45.44 -3.32
CA GLN A 116 -29.90 46.87 -3.67
C GLN A 116 -30.89 47.16 -4.81
N GLY A 117 -31.10 46.14 -5.64
CA GLY A 117 -32.01 46.26 -6.76
C GLY A 117 -31.35 46.05 -8.11
N VAL A 118 -30.12 45.53 -8.14
CA VAL A 118 -29.43 45.29 -9.40
C VAL A 118 -29.94 44.00 -10.08
N HIS A 119 -30.18 44.06 -11.38
CA HIS A 119 -30.69 42.90 -12.10
C HIS A 119 -29.62 41.83 -12.33
N PRO A 120 -29.94 40.56 -12.03
CA PRO A 120 -29.03 39.42 -12.17
C PRO A 120 -28.27 39.42 -13.49
N THR A 121 -28.86 40.00 -14.53
CA THR A 121 -28.19 40.04 -15.83
C THR A 121 -27.12 41.11 -15.89
N VAL A 122 -27.33 42.26 -15.26
CA VAL A 122 -26.26 43.23 -15.35
C VAL A 122 -25.12 42.75 -14.45
N ILE A 123 -25.45 42.02 -13.38
CA ILE A 123 -24.45 41.47 -12.49
C ILE A 123 -23.63 40.46 -13.31
N SER A 124 -24.32 39.63 -14.09
CA SER A 124 -23.65 38.66 -14.94
C SER A 124 -22.78 39.39 -15.96
N ASN A 125 -23.23 40.54 -16.47
CA ASN A 125 -22.45 41.31 -17.43
C ASN A 125 -21.22 41.91 -16.79
N GLY A 126 -21.38 42.41 -15.57
CA GLY A 126 -20.26 42.94 -14.80
C GLY A 126 -19.21 41.83 -14.68
N TYR A 127 -19.58 40.68 -14.13
CA TYR A 127 -18.65 39.56 -13.99
C TYR A 127 -17.95 39.19 -15.31
N ARG A 128 -18.66 39.24 -16.42
CA ARG A 128 -18.05 38.93 -17.72
C ARG A 128 -16.98 39.95 -18.09
N LEU A 129 -17.28 41.22 -17.85
CA LEU A 129 -16.36 42.34 -18.11
C LEU A 129 -15.12 42.14 -17.23
N ALA A 130 -15.37 41.92 -15.93
CA ALA A 130 -14.32 41.68 -14.96
C ALA A 130 -13.43 40.51 -15.35
N VAL A 131 -14.00 39.33 -15.55
CA VAL A 131 -13.19 38.15 -15.90
C VAL A 131 -12.42 38.31 -17.21
N ASN A 132 -13.00 38.95 -18.21
CA ASN A 132 -12.30 39.14 -19.48
C ASN A 132 -11.09 40.01 -19.23
N GLU A 133 -11.27 41.08 -18.45
CA GLU A 133 -10.16 41.96 -18.10
C GLU A 133 -9.06 41.14 -17.37
N ALA A 134 -9.44 40.49 -16.27
CA ALA A 134 -8.53 39.69 -15.49
C ALA A 134 -7.76 38.72 -16.36
N ARG A 135 -8.42 38.08 -17.29
CA ARG A 135 -7.72 37.13 -18.15
C ARG A 135 -6.67 37.85 -18.94
N LYS A 136 -6.89 39.12 -19.22
CA LYS A 136 -5.91 39.91 -19.97
C LYS A 136 -4.77 40.25 -19.03
N ILE A 137 -5.06 40.86 -17.89
CA ILE A 137 -4.03 41.22 -16.91
C ILE A 137 -3.06 40.09 -16.57
N ILE A 138 -3.55 38.87 -16.43
CA ILE A 138 -2.64 37.81 -16.08
C ILE A 138 -1.73 37.37 -17.20
N ASP A 139 -2.16 37.52 -18.45
CA ASP A 139 -1.28 37.14 -19.56
C ASP A 139 -0.24 38.26 -19.63
N GLU A 140 -0.65 39.47 -19.26
CA GLU A 140 0.24 40.62 -19.24
C GLU A 140 1.31 40.37 -18.18
N ILE A 141 0.89 40.16 -16.95
CA ILE A 141 1.81 39.91 -15.85
C ILE A 141 2.45 38.50 -15.75
N ALA A 142 2.05 37.56 -16.62
CA ALA A 142 2.60 36.21 -16.57
C ALA A 142 4.10 36.23 -16.75
N GLU A 143 4.79 35.46 -15.93
CA GLU A 143 6.25 35.36 -15.96
C GLU A 143 6.68 34.19 -16.86
N LYS A 144 7.58 34.47 -17.80
CA LYS A 144 8.04 33.44 -18.73
C LYS A 144 9.24 32.74 -18.13
N SER A 145 9.46 31.49 -18.54
CA SER A 145 10.56 30.66 -18.10
C SER A 145 10.27 29.18 -18.31
N THR A 146 11.23 28.48 -18.91
CA THR A 146 11.16 27.03 -19.17
C THR A 146 12.32 26.36 -18.38
N ASP A 147 12.89 27.17 -17.50
CA ASP A 147 13.98 26.85 -16.60
C ASP A 147 13.61 25.65 -15.75
N ASP A 148 14.38 24.57 -15.83
CA ASP A 148 14.10 23.37 -15.02
C ASP A 148 13.95 23.74 -13.57
N ALA A 149 14.67 24.78 -13.14
CA ALA A 149 14.58 25.24 -11.76
C ALA A 149 13.17 25.70 -11.42
N THR A 150 12.52 26.41 -12.35
CA THR A 150 11.16 26.88 -12.13
C THR A 150 10.21 25.68 -12.11
N LEU A 151 10.46 24.72 -13.01
CA LEU A 151 9.64 23.51 -13.04
C LEU A 151 9.66 22.90 -11.65
N ARG A 152 10.83 22.78 -11.05
CA ARG A 152 10.96 22.23 -9.72
C ARG A 152 10.16 23.04 -8.72
N LYS A 153 10.18 24.36 -8.86
CA LYS A 153 9.40 25.22 -7.97
C LYS A 153 7.89 25.01 -8.18
N ILE A 154 7.48 24.65 -9.40
CA ILE A 154 6.07 24.38 -9.65
C ILE A 154 5.68 23.12 -8.84
N ALA A 155 6.43 22.04 -9.00
CA ALA A 155 6.15 20.81 -8.27
C ALA A 155 6.18 21.00 -6.75
N LEU A 156 7.22 21.63 -6.21
CA LEU A 156 7.33 21.85 -4.77
C LEU A 156 6.08 22.50 -4.22
N THR A 157 5.56 23.44 -4.99
CA THR A 157 4.37 24.19 -4.66
C THR A 157 3.11 23.35 -4.76
N ALA A 158 3.07 22.50 -5.78
CA ALA A 158 1.96 21.59 -5.98
C ALA A 158 1.86 20.53 -4.87
N LEU A 159 3.00 20.15 -4.30
CA LEU A 159 3.03 19.13 -3.26
C LEU A 159 2.91 19.70 -1.84
N SER A 160 2.83 21.02 -1.72
CA SER A 160 2.77 21.72 -0.43
C SER A 160 1.88 21.29 0.77
N GLY A 161 0.57 21.27 0.62
CA GLY A 161 -0.25 20.91 1.77
C GLY A 161 -0.69 19.46 1.84
N LYS A 162 0.12 18.54 1.30
CA LYS A 162 -0.20 17.10 1.28
C LYS A 162 0.60 16.31 2.33
N ASN A 163 0.09 15.13 2.71
CA ASN A 163 0.77 14.31 3.69
C ASN A 163 1.81 13.44 3.03
N THR A 164 2.85 14.09 2.53
CA THR A 164 3.95 13.40 1.84
C THR A 164 5.22 13.28 2.66
N GLY A 165 5.25 13.90 3.83
CA GLY A 165 6.44 13.84 4.66
C GLY A 165 7.36 15.01 4.34
N LEU A 166 8.66 14.78 4.39
CA LEU A 166 9.62 15.85 4.07
C LEU A 166 10.27 15.61 2.69
N SER A 167 10.05 14.40 2.13
CA SER A 167 10.60 13.97 0.82
C SER A 167 10.23 14.80 -0.41
N ASN A 168 9.51 15.90 -0.22
CA ASN A 168 9.09 16.74 -1.32
C ASN A 168 10.16 17.12 -2.35
N ASP A 169 11.29 17.66 -1.92
CA ASP A 169 12.34 18.05 -2.87
C ASP A 169 12.77 16.85 -3.69
N PHE A 170 12.78 15.68 -3.06
CA PHE A 170 13.13 14.43 -3.71
C PHE A 170 12.05 14.09 -4.73
N LEU A 171 10.78 14.27 -4.38
CA LEU A 171 9.69 13.98 -5.29
C LEU A 171 9.64 14.97 -6.45
N ALA A 172 9.74 16.26 -6.12
CA ALA A 172 9.75 17.34 -7.10
C ALA A 172 10.76 17.02 -8.19
N ASP A 173 11.96 16.58 -7.78
CA ASP A 173 13.00 16.24 -8.74
C ASP A 173 12.63 15.09 -9.64
N LEU A 174 11.95 14.09 -9.08
CA LEU A 174 11.51 12.94 -9.87
C LEU A 174 10.59 13.44 -10.96
N VAL A 175 9.63 14.28 -10.57
CA VAL A 175 8.65 14.86 -11.48
C VAL A 175 9.32 15.55 -12.67
N VAL A 176 10.12 16.58 -12.41
CA VAL A 176 10.83 17.28 -13.48
C VAL A 176 11.59 16.30 -14.36
N LYS A 177 12.26 15.36 -13.70
CA LYS A 177 13.03 14.35 -14.40
C LYS A 177 12.15 13.52 -15.33
N ALA A 178 11.01 13.07 -14.84
CA ALA A 178 10.12 12.29 -15.68
C ALA A 178 9.58 13.13 -16.82
N VAL A 179 9.10 14.32 -16.48
CA VAL A 179 8.56 15.24 -17.46
C VAL A 179 9.55 15.50 -18.59
N ASN A 180 10.77 15.90 -18.25
CA ASN A 180 11.79 16.18 -19.26
C ASN A 180 12.20 14.97 -20.09
N ALA A 181 11.90 13.77 -19.59
CA ALA A 181 12.24 12.53 -20.28
C ALA A 181 11.30 12.21 -21.45
N VAL A 182 10.00 12.50 -21.29
CA VAL A 182 9.00 12.23 -22.32
C VAL A 182 8.59 13.47 -23.14
N ALA A 183 9.01 14.63 -22.66
CA ALA A 183 8.71 15.88 -23.34
C ALA A 183 9.31 15.84 -24.73
N GLU A 184 8.53 16.22 -25.73
CA GLU A 184 9.02 16.23 -27.09
C GLU A 184 8.67 17.53 -27.79
N VAL A 185 9.40 17.82 -28.85
CA VAL A 185 9.23 19.05 -29.64
C VAL A 185 8.62 18.77 -31.01
N ARG A 186 7.46 19.36 -31.24
CA ARG A 186 6.78 19.25 -32.53
C ARG A 186 7.28 20.48 -33.30
N ASP A 187 6.44 21.09 -34.13
CA ASP A 187 6.92 22.26 -34.86
C ASP A 187 7.21 23.41 -33.91
N GLY A 188 8.46 23.48 -33.44
CA GLY A 188 8.88 24.54 -32.54
C GLY A 188 8.34 24.53 -31.13
N LYS A 189 7.28 23.76 -30.89
CA LYS A 189 6.71 23.71 -29.55
C LYS A 189 6.86 22.39 -28.80
N THR A 190 7.04 22.50 -27.49
CA THR A 190 7.19 21.35 -26.60
C THR A 190 5.85 20.77 -26.19
N ILE A 191 5.65 19.50 -26.51
CA ILE A 191 4.43 18.82 -26.16
C ILE A 191 4.84 17.72 -25.20
N VAL A 192 4.09 17.56 -24.10
CA VAL A 192 4.40 16.51 -23.12
C VAL A 192 3.19 15.62 -22.87
N ASP A 193 3.25 14.38 -23.36
CA ASP A 193 2.13 13.46 -23.12
C ASP A 193 2.40 12.82 -21.78
N THR A 194 1.56 13.13 -20.82
CA THR A 194 1.71 12.59 -19.49
C THR A 194 1.40 11.10 -19.47
N ALA A 195 0.65 10.66 -20.48
CA ALA A 195 0.29 9.26 -20.57
C ALA A 195 1.53 8.39 -20.82
N ASN A 196 2.67 9.03 -21.06
CA ASN A 196 3.89 8.27 -21.27
C ASN A 196 4.60 8.03 -19.96
N ILE A 197 4.14 8.71 -18.91
CA ILE A 197 4.72 8.57 -17.58
C ILE A 197 3.80 7.64 -16.83
N LYS A 198 4.29 6.44 -16.58
CA LYS A 198 3.57 5.41 -15.87
C LYS A 198 3.84 5.55 -14.37
N VAL A 199 2.83 5.94 -13.60
CA VAL A 199 2.99 6.07 -12.15
C VAL A 199 2.25 4.90 -11.48
N ASP A 200 2.92 4.23 -10.56
CA ASP A 200 2.28 3.12 -9.88
C ASP A 200 2.78 3.17 -8.45
N LYS A 201 2.14 2.44 -7.56
CA LYS A 201 2.56 2.44 -6.16
C LYS A 201 2.60 1.06 -5.56
N LYS A 202 3.37 0.91 -4.49
CA LYS A 202 3.51 -0.36 -3.80
C LYS A 202 3.77 -0.02 -2.33
N ASN A 203 2.95 -0.60 -1.44
CA ASN A 203 3.03 -0.34 0.00
C ASN A 203 4.33 -0.39 0.77
N GLY A 204 5.42 -0.87 0.17
CA GLY A 204 6.66 -0.88 0.92
C GLY A 204 6.91 0.51 1.49
N GLY A 205 7.39 0.57 2.71
CA GLY A 205 7.62 1.86 3.35
C GLY A 205 8.80 2.64 2.82
N SER A 206 8.96 3.86 3.35
CA SER A 206 10.07 4.77 3.02
C SER A 206 9.82 6.03 2.18
N VAL A 207 9.05 5.94 1.08
CA VAL A 207 8.81 7.11 0.21
C VAL A 207 10.06 7.47 -0.55
N ASN A 208 11.18 7.62 0.15
CA ASN A 208 12.45 7.90 -0.50
C ASN A 208 12.77 6.68 -1.34
N ASP A 209 11.97 5.63 -1.18
CA ASP A 209 12.11 4.39 -1.93
C ASP A 209 11.45 4.49 -3.30
N THR A 210 10.78 5.60 -3.58
CA THR A 210 10.14 5.80 -4.87
C THR A 210 11.26 5.70 -5.87
N GLN A 211 11.02 5.04 -6.98
CA GLN A 211 12.05 4.91 -7.98
C GLN A 211 11.60 5.54 -9.27
N PHE A 212 12.57 5.93 -10.09
CA PHE A 212 12.36 6.50 -11.41
C PHE A 212 12.93 5.40 -12.32
N ILE A 213 12.10 4.78 -13.13
CA ILE A 213 12.55 3.70 -13.99
C ILE A 213 12.48 4.15 -15.42
N SER A 214 13.49 3.80 -16.19
CA SER A 214 13.52 4.14 -17.61
C SER A 214 12.97 2.91 -18.33
N GLY A 215 11.66 2.77 -18.28
CA GLY A 215 11.00 1.65 -18.92
C GLY A 215 9.61 1.60 -18.36
N ILE A 216 8.90 0.53 -18.65
CA ILE A 216 7.55 0.36 -18.17
C ILE A 216 7.56 -0.65 -17.06
N VAL A 217 6.98 -0.26 -15.93
CA VAL A 217 6.86 -1.13 -14.79
C VAL A 217 5.44 -1.75 -14.87
N ILE A 218 5.36 -3.06 -14.70
CA ILE A 218 4.11 -3.80 -14.77
C ILE A 218 3.85 -4.64 -13.54
N ASP A 219 2.74 -4.35 -12.87
CA ASP A 219 2.36 -5.05 -11.66
C ASP A 219 1.88 -6.44 -12.01
N LYS A 220 2.76 -7.26 -12.55
CA LYS A 220 2.39 -8.60 -12.94
C LYS A 220 3.60 -9.51 -12.84
N GLU A 221 3.39 -10.74 -12.37
CA GLU A 221 4.49 -11.68 -12.21
C GLU A 221 4.53 -12.58 -13.41
N LYS A 222 5.65 -13.27 -13.63
CA LYS A 222 5.73 -14.19 -14.76
C LYS A 222 4.80 -15.36 -14.40
N VAL A 223 4.02 -15.85 -15.37
CA VAL A 223 3.05 -16.93 -15.14
C VAL A 223 3.54 -18.26 -14.63
N HIS A 224 4.79 -18.59 -14.90
CA HIS A 224 5.33 -19.88 -14.52
C HIS A 224 6.70 -19.81 -13.88
N SER A 225 6.87 -20.55 -12.78
CA SER A 225 8.12 -20.58 -12.03
C SER A 225 9.32 -20.86 -12.88
N LYS A 226 9.26 -21.89 -13.70
CA LYS A 226 10.41 -22.22 -14.53
C LYS A 226 10.81 -21.18 -15.59
N MET A 227 10.09 -20.07 -15.67
CA MET A 227 10.43 -19.06 -16.67
C MET A 227 11.52 -18.20 -16.10
N PRO A 228 12.45 -17.76 -16.95
CA PRO A 228 13.59 -16.91 -16.57
C PRO A 228 13.19 -15.72 -15.70
N ASP A 229 14.08 -15.34 -14.80
CA ASP A 229 13.83 -14.21 -13.92
C ASP A 229 14.21 -12.95 -14.66
N VAL A 230 15.03 -13.09 -15.70
CA VAL A 230 15.47 -11.95 -16.47
C VAL A 230 15.83 -12.34 -17.89
N VAL A 231 15.37 -11.52 -18.82
CA VAL A 231 15.60 -11.70 -20.24
C VAL A 231 16.33 -10.45 -20.76
N LYS A 232 17.44 -10.65 -21.47
CA LYS A 232 18.24 -9.55 -22.00
C LYS A 232 18.08 -9.56 -23.50
N ASN A 233 18.06 -8.38 -24.10
CA ASN A 233 17.87 -8.27 -25.55
C ASN A 233 16.57 -8.99 -25.91
N ALA A 234 15.48 -8.45 -25.36
CA ALA A 234 14.16 -9.01 -25.54
C ALA A 234 13.39 -8.60 -26.79
N LYS A 235 12.82 -9.58 -27.46
CA LYS A 235 11.98 -9.39 -28.64
C LYS A 235 10.61 -9.72 -28.04
N ILE A 236 9.88 -8.68 -27.72
CA ILE A 236 8.59 -8.74 -27.04
C ILE A 236 7.35 -8.85 -27.90
N ALA A 237 6.53 -9.88 -27.66
CA ALA A 237 5.27 -10.09 -28.40
C ALA A 237 4.09 -9.61 -27.57
N LEU A 238 3.29 -8.68 -28.07
CA LEU A 238 2.13 -8.21 -27.32
C LEU A 238 0.92 -8.93 -27.94
N ILE A 239 0.20 -9.70 -27.12
CA ILE A 239 -0.92 -10.49 -27.64
C ILE A 239 -2.25 -10.17 -27.01
N ASP A 240 -3.23 -9.98 -27.88
CA ASP A 240 -4.58 -9.61 -27.56
C ASP A 240 -5.49 -10.72 -27.10
N SER A 241 -5.31 -11.89 -27.68
CA SER A 241 -6.13 -13.03 -27.38
C SER A 241 -5.61 -13.93 -26.27
N ALA A 242 -6.48 -14.83 -25.83
CA ALA A 242 -6.17 -15.78 -24.77
C ALA A 242 -5.42 -16.93 -25.37
N LEU A 243 -4.43 -17.45 -24.67
CA LEU A 243 -3.67 -18.59 -25.18
C LEU A 243 -4.38 -19.78 -24.56
N GLU A 244 -5.63 -19.97 -25.00
CA GLU A 244 -6.48 -21.04 -24.51
C GLU A 244 -7.20 -21.71 -25.66
N ILE A 245 -7.87 -22.81 -25.35
CA ILE A 245 -8.64 -23.57 -26.35
C ILE A 245 -9.86 -22.75 -26.73
N LYS A 246 -9.98 -22.50 -28.03
CA LYS A 246 -11.07 -21.72 -28.58
C LYS A 246 -12.12 -22.60 -29.27
N LYS A 247 -13.37 -22.35 -28.93
CA LYS A 247 -14.46 -23.08 -29.52
C LYS A 247 -15.01 -22.22 -30.66
N THR A 248 -15.51 -22.91 -31.68
CA THR A 248 -16.09 -22.30 -32.86
C THR A 248 -17.34 -21.48 -32.48
N GLU A 249 -17.74 -20.56 -33.36
CA GLU A 249 -18.91 -19.72 -33.11
C GLU A 249 -20.19 -20.51 -33.31
N ILE A 250 -20.29 -21.18 -34.45
CA ILE A 250 -21.44 -22.01 -34.73
C ILE A 250 -21.25 -23.24 -33.84
N GLU A 251 -22.21 -23.56 -32.97
CA GLU A 251 -22.09 -24.72 -32.06
C GLU A 251 -21.48 -25.97 -32.69
N ALA A 252 -20.64 -26.64 -31.90
CA ALA A 252 -19.95 -27.84 -32.34
C ALA A 252 -20.03 -28.90 -31.27
N LYS A 253 -20.31 -30.13 -31.70
CA LYS A 253 -20.40 -31.27 -30.81
C LYS A 253 -19.54 -32.36 -31.40
N VAL A 254 -18.76 -33.01 -30.54
CA VAL A 254 -17.85 -34.07 -30.93
C VAL A 254 -18.54 -35.40 -30.60
N GLN A 255 -18.51 -36.32 -31.56
CA GLN A 255 -19.11 -37.65 -31.42
C GLN A 255 -18.04 -38.71 -31.60
N ILE A 256 -17.79 -39.48 -30.53
CA ILE A 256 -16.79 -40.55 -30.57
C ILE A 256 -17.50 -41.92 -30.58
N SER A 257 -17.17 -42.74 -31.57
CA SER A 257 -17.76 -44.08 -31.70
C SER A 257 -16.69 -45.16 -31.49
N ASP A 258 -15.43 -44.74 -31.60
CA ASP A 258 -14.27 -45.59 -31.44
C ASP A 258 -13.60 -45.16 -30.14
N PRO A 259 -13.49 -46.08 -29.17
CA PRO A 259 -12.87 -45.81 -27.87
C PRO A 259 -11.50 -45.18 -28.04
N SER A 260 -10.83 -45.53 -29.14
CA SER A 260 -9.51 -45.03 -29.47
C SER A 260 -9.47 -43.53 -29.77
N LYS A 261 -10.59 -42.99 -30.25
CA LYS A 261 -10.69 -41.59 -30.59
C LYS A 261 -10.51 -40.68 -29.42
N ILE A 262 -10.99 -41.09 -28.25
CA ILE A 262 -10.89 -40.26 -27.05
C ILE A 262 -9.50 -39.71 -26.76
N GLN A 263 -8.49 -40.55 -26.96
CA GLN A 263 -7.12 -40.13 -26.71
C GLN A 263 -6.78 -39.09 -27.75
N ASP A 264 -6.99 -39.43 -29.01
CA ASP A 264 -6.70 -38.53 -30.12
C ASP A 264 -7.30 -37.15 -29.86
N PHE A 265 -8.55 -37.10 -29.42
CA PHE A 265 -9.18 -35.81 -29.16
C PHE A 265 -8.47 -35.12 -28.04
N LEU A 266 -8.14 -35.86 -27.01
CA LEU A 266 -7.41 -35.28 -25.90
C LEU A 266 -6.04 -34.78 -26.38
N ASN A 267 -5.49 -35.40 -27.42
CA ASN A 267 -4.18 -34.99 -27.93
C ASN A 267 -4.21 -33.81 -28.86
N GLN A 268 -5.25 -33.71 -29.68
CA GLN A 268 -5.37 -32.59 -30.60
C GLN A 268 -5.24 -31.33 -29.75
N GLU A 269 -5.85 -31.33 -28.56
CA GLU A 269 -5.76 -30.18 -27.65
C GLU A 269 -4.32 -29.84 -27.29
N THR A 270 -3.59 -30.83 -26.81
CA THR A 270 -2.19 -30.64 -26.45
C THR A 270 -1.42 -30.07 -27.64
N ASN A 271 -1.54 -30.73 -28.79
CA ASN A 271 -0.86 -30.31 -30.02
C ASN A 271 -1.25 -28.90 -30.40
N THR A 272 -2.51 -28.52 -30.11
CA THR A 272 -3.00 -27.18 -30.40
C THR A 272 -2.17 -26.18 -29.60
N PHE A 273 -1.98 -26.45 -28.31
CA PHE A 273 -1.16 -25.59 -27.44
C PHE A 273 0.31 -25.58 -27.83
N LYS A 274 0.79 -26.72 -28.30
CA LYS A 274 2.17 -26.87 -28.76
C LYS A 274 2.40 -25.95 -29.95
N GLN A 275 1.46 -25.94 -30.90
CA GLN A 275 1.58 -25.08 -32.08
C GLN A 275 1.54 -23.60 -31.72
N MET A 276 0.63 -23.21 -30.83
CA MET A 276 0.55 -21.83 -30.37
C MET A 276 1.94 -21.33 -30.04
N VAL A 277 2.61 -22.10 -29.19
CA VAL A 277 3.96 -21.81 -28.72
C VAL A 277 5.01 -21.89 -29.85
N GLU A 278 4.78 -22.77 -30.82
CA GLU A 278 5.68 -22.89 -31.95
C GLU A 278 5.65 -21.56 -32.73
N LYS A 279 4.44 -21.08 -33.05
CA LYS A 279 4.25 -19.81 -33.77
C LYS A 279 4.99 -18.68 -33.07
N ILE A 280 4.83 -18.62 -31.76
CA ILE A 280 5.48 -17.59 -30.97
C ILE A 280 6.99 -17.73 -31.08
N LYS A 281 7.49 -18.94 -30.95
CA LYS A 281 8.93 -19.13 -31.04
C LYS A 281 9.44 -18.77 -32.42
N LYS A 282 8.70 -19.14 -33.45
CA LYS A 282 9.09 -18.84 -34.82
C LYS A 282 9.30 -17.36 -35.11
N SER A 283 8.59 -16.48 -34.43
CA SER A 283 8.75 -15.06 -34.67
C SER A 283 10.01 -14.46 -34.03
N GLY A 284 10.64 -15.23 -33.15
CA GLY A 284 11.82 -14.74 -32.46
C GLY A 284 11.49 -14.10 -31.12
N ALA A 285 10.21 -14.04 -30.78
CA ALA A 285 9.81 -13.44 -29.51
C ALA A 285 10.38 -14.29 -28.41
N ASN A 286 10.80 -13.68 -27.32
CA ASN A 286 11.31 -14.46 -26.20
C ASN A 286 10.60 -14.02 -24.93
N VAL A 287 9.65 -13.10 -25.10
CA VAL A 287 8.82 -12.57 -24.02
C VAL A 287 7.44 -12.48 -24.63
N VAL A 288 6.41 -12.80 -23.87
CA VAL A 288 5.03 -12.74 -24.34
C VAL A 288 4.18 -12.08 -23.26
N LEU A 289 3.65 -10.91 -23.57
CA LEU A 289 2.79 -10.22 -22.62
C LEU A 289 1.40 -10.38 -23.20
N CYS A 290 0.55 -11.15 -22.50
CA CYS A 290 -0.80 -11.42 -22.96
C CYS A 290 -1.82 -10.62 -22.16
N GLN A 291 -2.78 -10.04 -22.87
CA GLN A 291 -3.80 -9.25 -22.23
C GLN A 291 -4.81 -10.14 -21.55
N LYS A 292 -4.81 -11.40 -21.93
CA LYS A 292 -5.74 -12.35 -21.39
C LYS A 292 -5.07 -13.51 -20.67
N GLY A 293 -5.78 -14.60 -20.53
CA GLY A 293 -5.27 -15.73 -19.81
C GLY A 293 -4.46 -16.64 -20.69
N ILE A 294 -3.71 -17.51 -20.05
CA ILE A 294 -2.84 -18.47 -20.70
C ILE A 294 -3.14 -19.79 -20.02
N ASP A 295 -3.48 -20.78 -20.81
CA ASP A 295 -3.76 -22.09 -20.28
C ASP A 295 -2.53 -22.69 -19.61
N ASP A 296 -2.73 -23.58 -18.66
CA ASP A 296 -1.61 -24.22 -17.97
C ASP A 296 -0.70 -25.03 -18.86
N VAL A 297 -1.25 -25.63 -19.91
CA VAL A 297 -0.44 -26.43 -20.80
C VAL A 297 0.42 -25.53 -21.67
N ALA A 298 -0.12 -24.36 -22.02
CA ALA A 298 0.59 -23.38 -22.82
C ALA A 298 1.74 -22.83 -21.95
N GLN A 299 1.45 -22.56 -20.68
CA GLN A 299 2.47 -22.09 -19.74
C GLN A 299 3.56 -23.15 -19.69
N HIS A 300 3.15 -24.42 -19.68
CA HIS A 300 4.13 -25.50 -19.66
C HIS A 300 5.12 -25.39 -20.79
N TYR A 301 4.61 -25.37 -22.02
CA TYR A 301 5.49 -25.31 -23.17
C TYR A 301 6.23 -23.98 -23.36
N LEU A 302 5.65 -22.88 -22.89
CA LEU A 302 6.31 -21.57 -22.98
C LEU A 302 7.56 -21.65 -22.10
N ALA A 303 7.40 -22.15 -20.88
CA ALA A 303 8.51 -22.29 -19.92
C ALA A 303 9.52 -23.25 -20.47
N LYS A 304 9.02 -24.33 -21.07
CA LYS A 304 9.89 -25.32 -21.68
C LYS A 304 10.81 -24.67 -22.73
N GLU A 305 10.24 -23.78 -23.52
CA GLU A 305 10.97 -23.12 -24.58
C GLU A 305 11.77 -21.92 -24.12
N GLY A 306 11.63 -21.57 -22.85
CA GLY A 306 12.36 -20.43 -22.30
C GLY A 306 11.79 -19.05 -22.53
N ILE A 307 10.51 -18.96 -22.93
CA ILE A 307 9.88 -17.67 -23.17
C ILE A 307 9.32 -17.17 -21.83
N TYR A 308 9.49 -15.89 -21.54
CA TYR A 308 9.00 -15.27 -20.30
C TYR A 308 7.60 -14.74 -20.63
N ALA A 309 6.57 -15.23 -19.95
CA ALA A 309 5.21 -14.78 -20.23
C ALA A 309 4.48 -14.21 -19.03
N VAL A 310 3.65 -13.21 -19.30
CA VAL A 310 2.83 -12.54 -18.28
C VAL A 310 1.43 -12.59 -18.88
N ARG A 311 0.39 -12.74 -18.06
CA ARG A 311 -0.96 -12.81 -18.59
C ARG A 311 -1.88 -11.85 -17.92
N ARG A 312 -3.03 -11.64 -18.55
CA ARG A 312 -4.07 -10.74 -18.05
C ARG A 312 -3.53 -9.34 -17.79
N VAL A 313 -2.72 -8.86 -18.72
CA VAL A 313 -2.14 -7.53 -18.64
C VAL A 313 -3.20 -6.49 -19.00
N LYS A 314 -3.31 -5.44 -18.20
CA LYS A 314 -4.27 -4.37 -18.47
C LYS A 314 -4.10 -3.76 -19.86
N LYS A 315 -5.21 -3.41 -20.51
CA LYS A 315 -5.18 -2.81 -21.84
C LYS A 315 -4.36 -1.53 -21.85
N SER A 316 -4.46 -0.77 -20.75
CA SER A 316 -3.75 0.49 -20.57
C SER A 316 -2.26 0.19 -20.68
N ASP A 317 -1.82 -0.87 -20.00
CA ASP A 317 -0.41 -1.27 -20.02
C ASP A 317 -0.04 -1.82 -21.38
N MET A 318 -0.95 -2.58 -21.99
CA MET A 318 -0.72 -3.15 -23.32
C MET A 318 -0.39 -2.02 -24.27
N GLU A 319 -1.19 -0.97 -24.18
CA GLU A 319 -1.02 0.20 -25.01
C GLU A 319 0.28 0.97 -24.71
N LYS A 320 0.60 1.20 -23.45
CA LYS A 320 1.85 1.88 -23.09
C LYS A 320 3.06 1.07 -23.55
N LEU A 321 2.99 -0.24 -23.39
CA LEU A 321 4.04 -1.11 -23.82
C LEU A 321 4.22 -1.14 -25.32
N ALA A 322 3.12 -1.00 -26.07
CA ALA A 322 3.24 -1.00 -27.52
C ALA A 322 3.92 0.29 -27.90
N LYS A 323 3.57 1.34 -27.17
CA LYS A 323 4.13 2.66 -27.36
C LYS A 323 5.65 2.63 -27.09
N ALA A 324 6.03 2.18 -25.90
CA ALA A 324 7.43 2.12 -25.53
C ALA A 324 8.33 1.16 -26.30
N THR A 325 7.87 -0.04 -26.59
CA THR A 325 8.70 -1.02 -27.27
C THR A 325 8.59 -1.08 -28.80
N GLY A 326 7.62 -0.41 -29.37
CA GLY A 326 7.45 -0.45 -30.81
C GLY A 326 6.73 -1.70 -31.29
N ALA A 327 6.21 -2.48 -30.35
CA ALA A 327 5.48 -3.70 -30.69
C ALA A 327 4.08 -3.40 -31.16
N LYS A 328 3.57 -4.22 -32.06
CA LYS A 328 2.22 -4.09 -32.59
C LYS A 328 1.37 -5.09 -31.82
N ILE A 329 0.25 -4.65 -31.28
CA ILE A 329 -0.63 -5.56 -30.53
C ILE A 329 -1.31 -6.48 -31.56
N VAL A 330 -0.99 -7.77 -31.50
CA VAL A 330 -1.52 -8.77 -32.41
C VAL A 330 -2.55 -9.70 -31.76
N THR A 331 -3.60 -10.00 -32.52
CA THR A 331 -4.67 -10.86 -32.05
C THR A 331 -4.57 -12.22 -32.69
N ASP A 332 -4.30 -12.28 -33.98
CA ASP A 332 -4.20 -13.54 -34.65
C ASP A 332 -2.76 -13.93 -34.72
N LEU A 333 -2.37 -14.95 -33.97
CA LEU A 333 -1.00 -15.41 -33.94
C LEU A 333 -0.37 -15.66 -35.29
N ASP A 334 -1.18 -15.88 -36.32
CA ASP A 334 -0.60 -16.13 -37.63
C ASP A 334 0.00 -14.88 -38.21
N ASP A 335 -0.36 -13.74 -37.62
CA ASP A 335 0.15 -12.46 -38.06
C ASP A 335 1.24 -12.03 -37.08
N LEU A 336 1.85 -13.01 -36.43
CA LEU A 336 2.91 -12.77 -35.46
C LEU A 336 4.22 -12.94 -36.21
N THR A 337 4.64 -11.87 -36.84
CA THR A 337 5.85 -11.84 -37.61
C THR A 337 6.86 -11.04 -36.83
N PRO A 338 8.16 -11.14 -37.16
CA PRO A 338 9.21 -10.39 -36.45
C PRO A 338 9.03 -8.89 -36.61
N SER A 339 8.20 -8.49 -37.56
CA SER A 339 7.94 -7.08 -37.82
C SER A 339 7.10 -6.44 -36.69
N VAL A 340 6.23 -7.22 -36.07
CA VAL A 340 5.37 -6.70 -35.00
C VAL A 340 5.95 -6.82 -33.58
N LEU A 341 7.19 -7.30 -33.45
CA LEU A 341 7.80 -7.45 -32.13
C LEU A 341 8.45 -6.17 -31.63
N GLY A 342 8.32 -5.93 -30.32
CA GLY A 342 8.92 -4.76 -29.69
C GLY A 342 10.29 -5.09 -29.15
N GLU A 343 11.03 -4.09 -28.72
CA GLU A 343 12.37 -4.34 -28.20
C GLU A 343 12.64 -3.64 -26.91
N ALA A 344 13.46 -4.27 -26.09
CA ALA A 344 13.88 -3.77 -24.80
C ALA A 344 15.14 -4.55 -24.40
N GLU A 345 16.09 -3.86 -23.78
CA GLU A 345 17.34 -4.48 -23.36
C GLU A 345 17.11 -5.54 -22.32
N THR A 346 16.21 -5.27 -21.40
CA THR A 346 15.98 -6.18 -20.32
C THR A 346 14.53 -6.27 -19.90
N VAL A 347 14.08 -7.49 -19.65
CA VAL A 347 12.74 -7.78 -19.14
C VAL A 347 13.10 -8.61 -17.93
N GLU A 348 12.90 -8.05 -16.75
CA GLU A 348 13.23 -8.77 -15.55
C GLU A 348 12.14 -8.69 -14.51
N GLU A 349 12.01 -9.75 -13.75
CA GLU A 349 11.03 -9.80 -12.70
C GLU A 349 11.83 -9.55 -11.43
N ARG A 350 11.30 -8.74 -10.53
CA ARG A 350 11.99 -8.45 -9.30
C ARG A 350 10.96 -8.14 -8.23
N LYS A 351 11.20 -8.60 -7.02
CA LYS A 351 10.25 -8.41 -5.94
C LYS A 351 10.24 -7.02 -5.34
N ILE A 352 9.08 -6.39 -5.37
CA ILE A 352 8.90 -5.04 -4.83
C ILE A 352 7.89 -5.12 -3.71
N GLY A 353 8.37 -4.93 -2.48
CA GLY A 353 7.48 -4.97 -1.33
C GLY A 353 7.18 -6.42 -1.07
N ASP A 354 5.94 -6.84 -1.29
CA ASP A 354 5.58 -8.22 -1.08
C ASP A 354 5.26 -8.89 -2.43
N ASP A 355 5.04 -8.07 -3.45
CA ASP A 355 4.71 -8.55 -4.79
C ASP A 355 5.95 -8.74 -5.66
N ARG A 356 5.75 -9.37 -6.80
CA ARG A 356 6.79 -9.58 -7.79
C ARG A 356 6.28 -8.85 -9.03
N MET A 357 7.00 -7.83 -9.51
CA MET A 357 6.57 -7.09 -10.69
C MET A 357 7.54 -7.28 -11.83
N THR A 358 7.05 -7.12 -13.04
CA THR A 358 7.87 -7.26 -14.25
C THR A 358 8.35 -5.88 -14.72
N PHE A 359 9.66 -5.74 -14.95
CA PHE A 359 10.28 -4.48 -15.38
C PHE A 359 10.75 -4.59 -16.80
N VAL A 360 10.19 -3.79 -17.70
CA VAL A 360 10.58 -3.81 -19.11
C VAL A 360 11.42 -2.55 -19.29
N MET A 361 12.74 -2.74 -19.43
CA MET A 361 13.67 -1.63 -19.54
C MET A 361 14.54 -1.53 -20.79
N GLY A 362 14.95 -0.31 -21.08
CA GLY A 362 15.77 -0.07 -22.25
C GLY A 362 14.92 -0.28 -23.47
N CYS A 363 13.71 0.27 -23.44
CA CYS A 363 12.79 0.13 -24.54
C CYS A 363 13.30 0.83 -25.79
N LYS A 364 12.80 0.42 -26.95
CA LYS A 364 13.16 1.02 -28.23
C LYS A 364 12.89 2.53 -28.19
N ASN A 365 11.77 2.91 -27.59
CA ASN A 365 11.41 4.32 -27.47
C ASN A 365 11.75 4.78 -26.06
N PRO A 366 12.67 5.74 -25.94
CA PRO A 366 13.15 6.35 -24.70
C PRO A 366 12.12 7.22 -24.00
N LYS A 367 11.14 7.71 -24.76
CA LYS A 367 10.10 8.59 -24.22
C LYS A 367 9.04 7.88 -23.41
N ALA A 368 9.46 7.03 -22.49
CA ALA A 368 8.54 6.28 -21.64
C ALA A 368 9.30 5.96 -20.37
N VAL A 369 8.73 6.37 -19.23
CA VAL A 369 9.36 6.16 -17.95
C VAL A 369 8.28 5.79 -16.94
N SER A 370 8.70 5.27 -15.79
CA SER A 370 7.77 4.86 -14.75
C SER A 370 8.24 5.41 -13.40
N ILE A 371 7.29 5.63 -12.48
CA ILE A 371 7.61 6.08 -11.13
C ILE A 371 6.89 5.10 -10.18
N LEU A 372 7.69 4.30 -9.47
CA LEU A 372 7.17 3.30 -8.53
C LEU A 372 7.19 3.95 -7.15
N ILE A 373 6.05 4.42 -6.69
CA ILE A 373 5.93 5.09 -5.40
C ILE A 373 5.87 4.11 -4.22
N ARG A 374 6.51 4.45 -3.11
CA ARG A 374 6.49 3.61 -1.91
C ARG A 374 6.11 4.53 -0.76
N GLY A 375 5.65 3.97 0.35
CA GLY A 375 5.27 4.82 1.45
C GLY A 375 4.56 4.18 2.63
N GLY A 376 4.34 2.88 2.55
CA GLY A 376 3.70 2.15 3.65
C GLY A 376 2.20 2.13 3.85
N THR A 377 1.76 2.93 4.81
CA THR A 377 0.36 3.04 5.25
C THR A 377 -0.77 2.67 4.31
N ASP A 378 -0.54 2.77 3.00
CA ASP A 378 -1.56 2.46 2.01
C ASP A 378 -2.39 3.72 1.79
N HIS A 379 -3.00 4.21 2.86
CA HIS A 379 -3.79 5.42 2.76
C HIS A 379 -2.95 6.65 2.55
N VAL A 380 -1.63 6.48 2.57
CA VAL A 380 -0.70 7.57 2.34
C VAL A 380 -0.11 7.45 0.94
N VAL A 381 0.25 6.23 0.57
CA VAL A 381 0.80 5.98 -0.74
C VAL A 381 -0.23 6.42 -1.78
N SER A 382 -1.52 6.27 -1.46
CA SER A 382 -2.61 6.69 -2.35
C SER A 382 -2.66 8.20 -2.59
N GLU A 383 -2.61 8.99 -1.51
CA GLU A 383 -2.62 10.44 -1.67
C GLU A 383 -1.30 10.88 -2.29
N VAL A 384 -0.19 10.27 -1.86
CA VAL A 384 1.11 10.62 -2.43
C VAL A 384 1.06 10.41 -3.95
N GLU A 385 0.41 9.34 -4.37
CA GLU A 385 0.28 9.06 -5.79
C GLU A 385 -0.65 10.12 -6.34
N ARG A 386 -1.69 10.42 -5.58
CA ARG A 386 -2.67 11.42 -5.97
C ARG A 386 -1.93 12.76 -6.16
N ALA A 387 -0.93 12.97 -5.30
CA ALA A 387 -0.13 14.19 -5.31
C ALA A 387 0.80 14.23 -6.51
N LEU A 388 1.62 13.19 -6.62
CA LEU A 388 2.57 13.08 -7.70
C LEU A 388 1.90 13.25 -9.06
N ASN A 389 0.66 12.77 -9.18
CA ASN A 389 -0.06 12.89 -10.44
C ASN A 389 -0.43 14.34 -10.75
N ASP A 390 -0.89 15.09 -9.76
CA ASP A 390 -1.20 16.50 -10.00
C ASP A 390 0.09 17.19 -10.35
N ALA A 391 1.11 16.98 -9.51
CA ALA A 391 2.44 17.58 -9.70
C ALA A 391 2.93 17.35 -11.12
N ILE A 392 2.77 16.12 -11.61
CA ILE A 392 3.19 15.80 -12.96
C ILE A 392 2.43 16.63 -13.96
N ARG A 393 1.13 16.81 -13.72
CA ARG A 393 0.28 17.59 -14.63
C ARG A 393 0.70 19.04 -14.68
N VAL A 394 0.80 19.67 -13.51
CA VAL A 394 1.21 21.08 -13.46
C VAL A 394 2.58 21.30 -14.08
N VAL A 395 3.54 20.42 -13.75
CA VAL A 395 4.87 20.58 -14.31
C VAL A 395 4.82 20.41 -15.82
N ALA A 396 3.98 19.49 -16.30
CA ALA A 396 3.83 19.25 -17.73
C ALA A 396 3.25 20.45 -18.48
N ILE A 397 2.18 21.04 -17.92
CA ILE A 397 1.52 22.22 -18.49
C ILE A 397 2.53 23.34 -18.65
N THR A 398 3.18 23.68 -17.55
CA THR A 398 4.18 24.75 -17.54
C THR A 398 5.30 24.46 -18.56
N LYS A 399 5.78 23.23 -18.59
CA LYS A 399 6.81 22.85 -19.55
C LYS A 399 6.36 23.31 -20.93
N GLU A 400 5.08 23.12 -21.21
CA GLU A 400 4.54 23.52 -22.50
C GLU A 400 4.39 25.03 -22.64
N ASP A 401 3.55 25.64 -21.79
CA ASP A 401 3.28 27.08 -21.86
C ASP A 401 4.51 27.98 -21.67
N GLY A 402 5.43 27.54 -20.83
CA GLY A 402 6.61 28.30 -20.54
C GLY A 402 6.35 29.50 -19.67
N LYS A 403 5.13 29.65 -19.17
CA LYS A 403 4.80 30.80 -18.33
C LYS A 403 4.16 30.37 -17.02
N PHE A 404 4.29 31.18 -15.97
CA PHE A 404 3.71 30.87 -14.67
C PHE A 404 3.31 32.13 -13.94
N LEU A 405 2.79 32.02 -12.71
CA LEU A 405 2.36 33.19 -11.95
C LEU A 405 2.82 33.05 -10.51
N TRP A 406 2.85 34.14 -9.77
CA TRP A 406 3.31 34.07 -8.40
C TRP A 406 2.19 33.53 -7.56
N GLY A 407 2.52 32.70 -6.57
CA GLY A 407 1.51 32.10 -5.70
C GLY A 407 1.10 32.90 -4.48
N GLY A 408 0.55 32.17 -3.51
CA GLY A 408 0.13 32.76 -2.25
C GLY A 408 -0.87 33.90 -2.29
N GLY A 409 -1.73 33.93 -3.30
CA GLY A 409 -2.71 35.00 -3.35
C GLY A 409 -2.17 36.29 -3.93
N ALA A 410 -0.97 36.21 -4.49
CA ALA A 410 -0.33 37.36 -5.10
C ALA A 410 -1.12 37.76 -6.35
N VAL A 411 -1.42 36.79 -7.20
CA VAL A 411 -2.20 37.08 -8.43
C VAL A 411 -3.54 37.71 -8.11
N GLU A 412 -4.30 37.10 -7.22
CA GLU A 412 -5.61 37.62 -6.87
C GLU A 412 -5.51 39.04 -6.35
N ALA A 413 -4.51 39.32 -5.52
CA ALA A 413 -4.34 40.66 -4.97
C ALA A 413 -4.07 41.68 -6.08
N GLU A 414 -3.25 41.32 -7.05
CA GLU A 414 -2.99 42.24 -8.14
C GLU A 414 -4.31 42.51 -8.86
N LEU A 415 -4.97 41.44 -9.28
CA LEU A 415 -6.26 41.51 -9.97
C LEU A 415 -7.29 42.34 -9.23
N ALA A 416 -7.40 42.11 -7.93
CA ALA A 416 -8.36 42.83 -7.11
C ALA A 416 -8.10 44.34 -7.16
N MET A 417 -6.82 44.72 -7.18
CA MET A 417 -6.40 46.12 -7.20
C MET A 417 -6.69 46.76 -8.56
N ARG A 418 -6.29 46.08 -9.63
CA ARG A 418 -6.55 46.59 -10.95
C ARG A 418 -8.02 46.69 -11.31
N LEU A 419 -8.79 45.62 -11.11
CA LEU A 419 -10.21 45.63 -11.45
C LEU A 419 -10.96 46.68 -10.66
N ALA A 420 -10.45 46.99 -9.47
CA ALA A 420 -11.08 48.00 -8.63
C ALA A 420 -11.02 49.33 -9.33
N LYS A 421 -9.97 49.53 -10.13
CA LYS A 421 -9.74 50.76 -10.91
C LYS A 421 -10.48 50.72 -12.23
N TYR A 422 -10.41 49.57 -12.90
CA TYR A 422 -11.08 49.35 -14.18
C TYR A 422 -12.59 49.52 -14.04
N ALA A 423 -13.09 49.30 -12.83
CA ALA A 423 -14.50 49.46 -12.54
C ALA A 423 -14.89 50.89 -12.82
N ASN A 424 -14.08 51.83 -12.34
CA ASN A 424 -14.33 53.26 -12.53
C ASN A 424 -14.50 53.67 -13.99
N SER A 425 -13.79 52.97 -14.86
CA SER A 425 -13.87 53.27 -16.29
C SER A 425 -15.11 52.62 -16.90
N VAL A 426 -16.04 52.17 -16.06
CA VAL A 426 -17.24 51.52 -16.55
C VAL A 426 -18.50 52.16 -16.00
N GLY A 427 -19.59 51.97 -16.73
CA GLY A 427 -20.87 52.52 -16.35
C GLY A 427 -21.46 52.02 -15.05
N GLY A 428 -22.28 52.87 -14.46
CA GLY A 428 -22.95 52.62 -13.20
C GLY A 428 -23.19 51.20 -12.76
N ARG A 429 -24.28 50.60 -13.23
CA ARG A 429 -24.61 49.25 -12.81
C ARG A 429 -23.48 48.26 -12.95
N GLU A 430 -22.87 48.15 -14.14
CA GLU A 430 -21.77 47.22 -14.33
C GLU A 430 -20.62 47.49 -13.37
N GLN A 431 -20.31 48.77 -13.14
CA GLN A 431 -19.26 49.16 -12.24
C GLN A 431 -19.48 48.48 -10.90
N LEU A 432 -20.70 48.50 -10.40
CA LEU A 432 -21.01 47.86 -9.12
C LEU A 432 -20.61 46.39 -9.15
N ALA A 433 -21.04 45.69 -10.20
CA ALA A 433 -20.75 44.28 -10.37
C ALA A 433 -19.24 44.02 -10.44
N ILE A 434 -18.51 44.92 -11.08
CA ILE A 434 -17.06 44.76 -11.20
C ILE A 434 -16.32 45.03 -9.88
N GLU A 435 -16.89 45.87 -9.02
CA GLU A 435 -16.28 46.14 -7.73
C GLU A 435 -16.56 44.92 -6.87
N ALA A 436 -17.70 44.27 -7.12
CA ALA A 436 -18.09 43.05 -6.40
C ALA A 436 -17.16 41.90 -6.79
N PHE A 437 -16.84 41.80 -8.07
CA PHE A 437 -15.93 40.77 -8.55
C PHE A 437 -14.54 41.00 -7.93
N ALA A 438 -14.08 42.26 -7.88
CA ALA A 438 -12.80 42.60 -7.26
C ALA A 438 -12.76 42.19 -5.79
N LYS A 439 -13.84 42.42 -5.05
CA LYS A 439 -13.87 42.00 -3.64
C LYS A 439 -13.79 40.49 -3.54
N ALA A 440 -14.52 39.79 -4.42
CA ALA A 440 -14.55 38.33 -4.41
C ALA A 440 -13.19 37.68 -4.51
N LEU A 441 -12.29 38.29 -5.29
CA LEU A 441 -10.94 37.77 -5.46
C LEU A 441 -10.17 37.74 -4.14
N GLU A 442 -10.48 38.65 -3.24
CA GLU A 442 -9.82 38.66 -1.95
C GLU A 442 -10.12 37.44 -1.08
N ILE A 443 -11.13 36.66 -1.46
CA ILE A 443 -11.49 35.47 -0.71
C ILE A 443 -10.35 34.45 -0.71
N ILE A 444 -9.49 34.48 -1.74
CA ILE A 444 -8.36 33.56 -1.81
C ILE A 444 -7.25 33.94 -0.80
N PRO A 445 -6.72 35.18 -0.88
CA PRO A 445 -5.68 35.55 0.10
C PRO A 445 -6.21 35.41 1.51
N ARG A 446 -7.49 35.69 1.72
CA ARG A 446 -8.08 35.57 3.05
C ARG A 446 -8.17 34.14 3.52
N THR A 447 -8.45 33.23 2.59
CA THR A 447 -8.57 31.82 2.92
C THR A 447 -7.21 31.29 3.31
N LEU A 448 -6.15 31.73 2.64
CA LEU A 448 -4.83 31.29 3.01
C LEU A 448 -4.42 31.82 4.40
N ALA A 449 -4.87 33.03 4.73
CA ALA A 449 -4.55 33.62 6.01
C ALA A 449 -5.21 32.80 7.08
N GLU A 450 -6.52 32.59 6.92
CA GLU A 450 -7.29 31.84 7.88
C GLU A 450 -6.78 30.45 8.13
N ASN A 451 -6.40 29.77 7.06
CA ASN A 451 -5.90 28.41 7.17
C ASN A 451 -4.58 28.35 7.94
N ALA A 452 -3.69 29.30 7.66
CA ALA A 452 -2.40 29.35 8.33
C ALA A 452 -2.58 29.78 9.77
N GLY A 453 -3.75 30.30 10.08
CA GLY A 453 -4.03 30.73 11.42
C GLY A 453 -3.66 32.18 11.69
N ILE A 454 -3.40 32.95 10.64
CA ILE A 454 -3.04 34.32 10.87
C ILE A 454 -4.24 35.23 10.66
N ASP A 455 -4.13 36.47 11.12
CA ASP A 455 -5.19 37.48 11.02
C ASP A 455 -5.49 37.83 9.57
N PRO A 456 -6.70 37.48 9.10
CA PRO A 456 -7.15 37.71 7.74
C PRO A 456 -7.19 39.20 7.41
N ILE A 457 -7.90 39.95 8.25
CA ILE A 457 -8.07 41.37 8.03
C ILE A 457 -6.77 42.17 7.88
N ASN A 458 -5.79 41.91 8.73
CA ASN A 458 -4.55 42.66 8.59
C ASN A 458 -3.66 42.18 7.47
N THR A 459 -3.71 40.89 7.14
CA THR A 459 -2.87 40.40 6.05
C THR A 459 -3.34 41.08 4.76
N LEU A 460 -4.65 41.20 4.60
CA LEU A 460 -5.18 41.82 3.40
C LEU A 460 -4.75 43.26 3.29
N ILE A 461 -4.81 43.98 4.41
CA ILE A 461 -4.42 45.40 4.45
C ILE A 461 -2.99 45.57 3.96
N LYS A 462 -2.08 44.73 4.47
CA LYS A 462 -0.67 44.75 4.09
C LYS A 462 -0.46 44.34 2.63
N LEU A 463 -1.12 43.27 2.24
CA LEU A 463 -1.02 42.72 0.89
C LEU A 463 -1.39 43.77 -0.14
N LYS A 464 -2.46 44.51 0.13
CA LYS A 464 -2.95 45.55 -0.77
C LYS A 464 -1.92 46.67 -0.98
N ALA A 465 -1.34 47.13 0.13
CA ALA A 465 -0.33 48.16 0.08
C ALA A 465 0.82 47.71 -0.81
N ASP A 466 1.47 46.61 -0.46
CA ASP A 466 2.61 46.14 -1.24
C ASP A 466 2.39 45.95 -2.72
N ASP A 467 1.23 45.41 -3.12
CA ASP A 467 0.96 45.21 -4.55
C ASP A 467 0.70 46.57 -5.21
N GLU A 468 0.21 47.52 -4.42
CA GLU A 468 -0.06 48.87 -4.91
C GLU A 468 1.24 49.69 -5.05
N LYS A 469 2.25 49.34 -4.25
CA LYS A 469 3.57 49.97 -4.32
C LYS A 469 4.29 49.35 -5.50
N GLY A 470 3.61 48.43 -6.19
CA GLY A 470 4.16 47.74 -7.35
C GLY A 470 4.78 46.38 -7.08
N ARG A 471 4.66 45.87 -5.85
CA ARG A 471 5.25 44.56 -5.49
C ARG A 471 4.39 43.36 -5.91
N ILE A 472 4.25 43.19 -7.22
CA ILE A 472 3.46 42.12 -7.83
C ILE A 472 3.60 40.72 -7.24
N SER A 473 4.79 40.36 -6.80
CA SER A 473 5.03 39.06 -6.27
C SER A 473 4.77 38.84 -4.79
N VAL A 474 4.23 39.82 -4.09
CA VAL A 474 3.95 39.65 -2.66
C VAL A 474 2.67 38.85 -2.38
N GLY A 475 2.82 37.68 -1.78
CA GLY A 475 1.68 36.84 -1.47
C GLY A 475 1.63 36.68 0.02
N VAL A 476 0.80 35.76 0.52
CA VAL A 476 0.68 35.53 1.95
C VAL A 476 1.79 34.64 2.46
N ASP A 477 2.58 35.13 3.40
CA ASP A 477 3.66 34.32 3.96
C ASP A 477 3.42 33.93 5.42
N LEU A 478 3.33 32.62 5.61
CA LEU A 478 3.12 31.96 6.89
C LEU A 478 4.27 32.32 7.83
N ASP A 479 5.49 32.21 7.29
CA ASP A 479 6.74 32.50 8.01
C ASP A 479 6.77 33.94 8.48
N ASN A 480 6.83 34.87 7.54
CA ASN A 480 6.86 36.29 7.88
C ASN A 480 5.59 36.66 8.64
N ASN A 481 4.69 35.69 8.74
CA ASN A 481 3.43 35.85 9.44
C ASN A 481 2.70 37.05 8.90
N GLY A 482 2.21 36.91 7.68
CA GLY A 482 1.51 38.00 7.05
C GLY A 482 1.89 37.89 5.59
N VAL A 483 2.28 39.01 4.99
CA VAL A 483 2.63 39.01 3.58
C VAL A 483 4.14 38.80 3.37
N GLY A 484 4.56 38.53 2.13
CA GLY A 484 5.98 38.31 1.86
C GLY A 484 6.21 38.05 0.39
N ASP A 485 7.46 38.13 -0.06
CA ASP A 485 7.76 37.92 -1.47
C ASP A 485 7.79 36.45 -1.86
N MET A 486 6.88 36.07 -2.74
CA MET A 486 6.77 34.69 -3.22
C MET A 486 7.90 34.37 -4.17
N LYS A 487 8.47 35.41 -4.77
CA LYS A 487 9.59 35.27 -5.70
C LYS A 487 10.77 34.60 -5.00
N ALA A 488 11.00 35.00 -3.76
CA ALA A 488 12.08 34.47 -2.95
C ALA A 488 11.73 33.11 -2.42
N LYS A 489 10.53 32.96 -1.86
CA LYS A 489 10.09 31.68 -1.33
C LYS A 489 9.79 30.65 -2.43
N GLY A 490 9.72 31.10 -3.67
CA GLY A 490 9.48 30.21 -4.79
C GLY A 490 8.10 29.60 -4.99
N VAL A 491 7.06 30.23 -4.45
CA VAL A 491 5.72 29.70 -4.61
C VAL A 491 5.13 30.18 -5.96
N VAL A 492 5.03 29.24 -6.90
CA VAL A 492 4.54 29.55 -8.22
C VAL A 492 3.37 28.68 -8.69
N ASP A 493 2.42 29.32 -9.36
CA ASP A 493 1.22 28.69 -9.87
C ASP A 493 1.28 28.66 -11.38
N PRO A 494 0.80 27.58 -12.01
CA PRO A 494 0.84 27.49 -13.48
C PRO A 494 -0.23 28.49 -13.98
N LEU A 495 -0.08 28.96 -15.21
CA LEU A 495 -1.03 29.95 -15.74
C LEU A 495 -2.40 29.35 -16.10
N ARG A 496 -2.38 28.37 -17.01
CA ARG A 496 -3.57 27.67 -17.49
C ARG A 496 -4.56 27.35 -16.40
N VAL A 497 -4.07 26.81 -15.29
CA VAL A 497 -4.95 26.46 -14.18
C VAL A 497 -5.63 27.68 -13.56
N LYS A 498 -4.94 28.82 -13.52
CA LYS A 498 -5.50 30.08 -12.99
C LYS A 498 -6.65 30.63 -13.81
N THR A 499 -6.38 30.81 -15.10
CA THR A 499 -7.35 31.36 -16.02
C THR A 499 -8.61 30.52 -16.08
N HIS A 500 -8.45 29.21 -16.08
CA HIS A 500 -9.61 28.31 -16.10
C HIS A 500 -10.35 28.24 -14.79
N ALA A 501 -9.66 28.49 -13.69
CA ALA A 501 -10.30 28.50 -12.40
C ALA A 501 -11.18 29.74 -12.36
N LEU A 502 -10.73 30.85 -12.93
CA LEU A 502 -11.51 32.09 -12.94
C LEU A 502 -12.67 31.95 -13.88
N GLU A 503 -12.40 31.48 -15.09
CA GLU A 503 -13.42 31.27 -16.09
C GLU A 503 -14.54 30.30 -15.64
N SER A 504 -14.18 29.14 -15.06
CA SER A 504 -15.15 28.14 -14.59
C SER A 504 -16.08 28.79 -13.60
N ALA A 505 -15.47 29.46 -12.61
CA ALA A 505 -16.18 30.15 -11.55
C ALA A 505 -17.20 31.11 -12.08
N VAL A 506 -16.82 31.87 -13.11
CA VAL A 506 -17.72 32.87 -13.70
C VAL A 506 -18.84 32.22 -14.48
N GLU A 507 -18.52 31.27 -15.33
CA GLU A 507 -19.56 30.58 -16.09
C GLU A 507 -20.61 29.91 -15.20
N VAL A 508 -20.17 29.21 -14.16
CA VAL A 508 -21.05 28.56 -13.20
C VAL A 508 -21.83 29.57 -12.31
N ALA A 509 -21.19 30.64 -11.86
CA ALA A 509 -21.88 31.62 -11.05
C ALA A 509 -23.00 32.25 -11.84
N THR A 510 -22.77 32.50 -13.12
CA THR A 510 -23.78 33.09 -14.01
C THR A 510 -24.96 32.15 -14.24
N MET A 511 -24.67 30.88 -14.43
CA MET A 511 -25.72 29.89 -14.64
C MET A 511 -26.70 29.89 -13.50
N ILE A 512 -26.15 29.91 -12.30
CA ILE A 512 -26.93 29.88 -11.08
C ILE A 512 -27.64 31.20 -10.76
N LEU A 513 -26.96 32.30 -11.03
CA LEU A 513 -27.47 33.64 -10.75
C LEU A 513 -28.71 33.97 -11.62
N ARG A 514 -28.76 33.36 -12.79
CA ARG A 514 -29.84 33.56 -13.74
C ARG A 514 -31.14 32.81 -13.43
N ILE A 515 -31.11 31.81 -12.57
CA ILE A 515 -32.30 31.03 -12.23
C ILE A 515 -33.20 31.79 -11.28
N ASP A 516 -34.48 31.89 -11.62
CA ASP A 516 -35.41 32.57 -10.72
C ASP A 516 -36.51 31.62 -10.29
N ASP A 517 -36.39 30.36 -10.63
CA ASP A 517 -37.45 29.46 -10.28
C ASP A 517 -36.91 28.07 -10.40
N VAL A 518 -37.10 27.27 -9.37
CA VAL A 518 -36.64 25.90 -9.46
C VAL A 518 -37.90 25.09 -9.28
N ILE A 519 -38.21 24.26 -10.27
CA ILE A 519 -39.40 23.43 -10.27
C ILE A 519 -38.89 22.02 -10.22
N LYS B 20 -11.98 21.31 15.07
CA LYS B 20 -12.50 21.49 16.46
C LYS B 20 -13.13 20.20 17.00
N ASP B 21 -14.37 19.92 16.64
CA ASP B 21 -15.07 18.71 17.09
C ASP B 21 -14.76 17.42 16.33
N ALA B 22 -14.72 17.48 15.00
CA ALA B 22 -14.41 16.29 14.19
C ALA B 22 -13.12 15.70 14.71
N MET B 23 -12.23 16.59 15.14
CA MET B 23 -10.92 16.24 15.68
C MET B 23 -11.08 15.68 17.07
N LYS B 24 -11.77 16.41 17.95
CA LYS B 24 -12.01 15.97 19.32
C LYS B 24 -12.53 14.53 19.31
N GLU B 25 -13.46 14.24 18.41
CA GLU B 25 -14.07 12.93 18.30
C GLU B 25 -13.12 11.87 17.70
N ASN B 26 -12.46 12.19 16.60
CA ASN B 26 -11.53 11.29 15.95
C ASN B 26 -10.46 10.84 16.93
N ILE B 27 -9.89 11.82 17.63
CA ILE B 27 -8.84 11.58 18.60
C ILE B 27 -9.31 10.67 19.71
N GLU B 28 -10.50 10.92 20.25
CA GLU B 28 -11.01 10.07 21.31
C GLU B 28 -11.30 8.64 20.83
N ALA B 29 -11.79 8.48 19.61
CA ALA B 29 -12.04 7.15 19.06
C ALA B 29 -10.71 6.37 19.03
N ALA B 30 -9.68 7.05 18.53
CA ALA B 30 -8.34 6.51 18.41
C ALA B 30 -7.76 6.10 19.77
N ILE B 31 -7.74 7.02 20.71
CA ILE B 31 -7.22 6.72 22.03
C ILE B 31 -7.90 5.51 22.67
N ALA B 32 -9.18 5.34 22.37
CA ALA B 32 -9.94 4.23 22.88
C ALA B 32 -9.28 2.92 22.44
N ILE B 33 -8.88 2.82 21.19
CA ILE B 33 -8.20 1.61 20.74
C ILE B 33 -6.89 1.43 21.53
N SER B 34 -6.16 2.52 21.71
CA SER B 34 -4.90 2.50 22.45
C SER B 34 -5.03 1.94 23.84
N ASN B 35 -6.14 2.21 24.49
CA ASN B 35 -6.33 1.72 25.83
C ASN B 35 -6.87 0.29 25.91
N SER B 36 -7.52 -0.19 24.86
CA SER B 36 -8.05 -1.54 24.89
C SER B 36 -6.92 -2.56 24.72
N VAL B 37 -5.73 -2.04 24.46
CA VAL B 37 -4.55 -2.87 24.23
C VAL B 37 -3.46 -2.63 25.27
N ARG B 38 -3.48 -1.46 25.90
CA ARG B 38 -2.49 -1.08 26.90
C ARG B 38 -2.13 -2.10 27.96
N SER B 39 -3.12 -2.74 28.56
CA SER B 39 -2.87 -3.74 29.63
C SER B 39 -2.27 -5.06 29.18
N SER B 40 -2.00 -5.20 27.89
CA SER B 40 -1.45 -6.44 27.46
C SER B 40 0.05 -6.33 27.23
N LEU B 41 0.60 -5.15 27.46
CA LEU B 41 2.04 -4.98 27.24
C LEU B 41 2.95 -5.50 28.35
N GLY B 42 3.85 -6.42 27.99
CA GLY B 42 4.81 -6.88 28.98
C GLY B 42 4.57 -8.16 29.75
N PRO B 43 5.50 -8.50 30.67
CA PRO B 43 5.57 -9.66 31.57
C PRO B 43 4.42 -9.76 32.55
N ARG B 44 3.77 -8.63 32.81
CA ARG B 44 2.62 -8.59 33.70
C ARG B 44 1.39 -8.21 32.85
N GLY B 45 1.47 -8.46 31.55
CA GLY B 45 0.40 -8.13 30.65
C GLY B 45 -0.66 -9.20 30.66
N MET B 46 -1.90 -8.76 30.41
CA MET B 46 -3.06 -9.63 30.39
C MET B 46 -3.46 -9.90 28.95
N ASP B 47 -4.38 -10.84 28.75
CA ASP B 47 -4.85 -11.18 27.41
C ASP B 47 -6.26 -10.70 27.23
N LYS B 48 -6.74 -10.83 26.01
CA LYS B 48 -8.10 -10.42 25.65
C LYS B 48 -8.90 -11.58 25.07
N MET B 49 -10.19 -11.61 25.38
CA MET B 49 -11.07 -12.63 24.83
C MET B 49 -11.88 -11.85 23.82
N LEU B 50 -11.86 -12.27 22.57
CA LEU B 50 -12.63 -11.61 21.52
C LEU B 50 -13.68 -12.55 20.93
N VAL B 51 -14.96 -12.29 21.19
CA VAL B 51 -16.04 -13.13 20.64
C VAL B 51 -16.74 -12.45 19.46
N ASP B 52 -16.81 -13.11 18.30
CA ASP B 52 -17.50 -12.49 17.17
C ASP B 52 -19.02 -12.79 17.10
N SER B 53 -19.67 -12.24 16.07
CA SER B 53 -21.11 -12.40 15.85
C SER B 53 -21.46 -13.85 15.54
N LEU B 54 -20.56 -14.52 14.82
CA LEU B 54 -20.74 -15.93 14.47
C LEU B 54 -20.42 -16.80 15.70
N GLY B 55 -20.02 -16.15 16.80
CA GLY B 55 -19.69 -16.84 18.03
C GLY B 55 -18.25 -17.32 18.19
N ASP B 56 -17.41 -17.10 17.18
CA ASP B 56 -15.99 -17.51 17.23
C ASP B 56 -15.27 -16.82 18.36
N ILE B 57 -14.42 -17.56 19.07
CA ILE B 57 -13.67 -17.00 20.20
C ILE B 57 -12.17 -17.06 19.99
N VAL B 58 -11.49 -15.99 20.34
CA VAL B 58 -10.05 -15.89 20.23
C VAL B 58 -9.57 -15.18 21.51
N ILE B 59 -8.75 -15.90 22.26
CA ILE B 59 -8.20 -15.39 23.51
C ILE B 59 -6.72 -15.23 23.21
N THR B 60 -6.20 -14.01 23.26
CA THR B 60 -4.80 -13.81 22.95
C THR B 60 -4.14 -12.57 23.59
N ASN B 61 -2.82 -12.52 23.43
CA ASN B 61 -2.02 -11.42 23.93
C ASN B 61 -1.44 -10.71 22.73
N ASP B 62 -1.52 -11.37 21.59
CA ASP B 62 -0.98 -10.84 20.36
C ASP B 62 -1.71 -9.57 19.91
N GLY B 63 -1.03 -8.43 19.96
CA GLY B 63 -1.62 -7.17 19.57
C GLY B 63 -2.06 -7.04 18.13
N VAL B 64 -1.51 -7.87 17.26
CA VAL B 64 -1.88 -7.86 15.84
C VAL B 64 -3.23 -8.58 15.69
N THR B 65 -3.40 -9.69 16.41
CA THR B 65 -4.63 -10.46 16.39
C THR B 65 -5.76 -9.69 17.07
N ILE B 66 -5.45 -9.06 18.19
CA ILE B 66 -6.46 -8.28 18.90
C ILE B 66 -7.06 -7.21 17.99
N LEU B 67 -6.17 -6.45 17.35
CA LEU B 67 -6.56 -5.36 16.43
C LEU B 67 -7.33 -5.85 15.20
N LYS B 68 -6.82 -6.91 14.56
CA LYS B 68 -7.47 -7.51 13.40
C LYS B 68 -8.81 -8.09 13.79
N GLU B 69 -8.95 -8.41 15.07
CA GLU B 69 -10.16 -8.99 15.56
C GLU B 69 -11.19 -8.00 15.96
N MET B 70 -10.86 -7.09 16.86
CA MET B 70 -11.86 -6.17 17.34
C MET B 70 -12.63 -5.45 16.26
N ASP B 71 -13.94 -5.37 16.50
CA ASP B 71 -14.89 -4.74 15.59
C ASP B 71 -14.91 -3.25 15.89
N VAL B 72 -14.14 -2.51 15.12
CA VAL B 72 -14.04 -1.06 15.25
C VAL B 72 -15.01 -0.50 14.24
N GLU B 73 -15.82 0.46 14.64
CA GLU B 73 -16.81 1.08 13.76
C GLU B 73 -16.37 2.46 13.27
N HIS B 74 -15.94 3.27 14.21
CA HIS B 74 -15.51 4.63 13.94
C HIS B 74 -14.40 4.61 12.91
N PRO B 75 -14.51 5.44 11.87
CA PRO B 75 -13.49 5.49 10.81
C PRO B 75 -12.09 5.85 11.31
N ALA B 76 -12.02 6.66 12.36
CA ALA B 76 -10.74 7.05 12.97
C ALA B 76 -10.12 5.80 13.57
N ALA B 77 -10.92 5.01 14.28
CA ALA B 77 -10.43 3.78 14.86
C ALA B 77 -9.97 2.81 13.76
N LYS B 78 -10.74 2.67 12.68
CA LYS B 78 -10.31 1.78 11.62
C LYS B 78 -8.93 2.18 11.09
N MET B 79 -8.68 3.48 10.98
CA MET B 79 -7.38 3.96 10.49
C MET B 79 -6.27 3.74 11.50
N MET B 80 -6.57 4.01 12.75
CA MET B 80 -5.62 3.81 13.81
C MET B 80 -5.15 2.37 13.71
N VAL B 81 -6.08 1.45 13.60
CA VAL B 81 -5.80 0.02 13.50
C VAL B 81 -4.94 -0.29 12.27
N GLU B 82 -5.38 0.18 11.10
CA GLU B 82 -4.65 -0.08 9.86
C GLU B 82 -3.23 0.45 9.85
N VAL B 83 -3.06 1.74 10.13
CA VAL B 83 -1.74 2.35 10.13
C VAL B 83 -0.83 1.85 11.26
N SER B 84 -1.37 1.76 12.47
CA SER B 84 -0.62 1.31 13.65
C SER B 84 -0.19 -0.12 13.54
N LYS B 85 -0.83 -0.88 12.66
CA LYS B 85 -0.51 -2.29 12.51
C LYS B 85 0.97 -2.66 12.33
N THR B 86 1.90 -1.70 12.26
CA THR B 86 3.35 -2.01 12.10
C THR B 86 3.56 -3.02 10.96
N GLN B 87 2.55 -3.08 10.11
CA GLN B 87 2.47 -3.97 8.97
C GLN B 87 3.79 -4.49 8.37
N ASP B 88 4.78 -3.60 8.27
CA ASP B 88 6.07 -3.96 7.71
C ASP B 88 6.65 -5.25 8.27
N SER B 89 6.37 -5.54 9.53
CA SER B 89 6.85 -6.76 10.16
C SER B 89 6.06 -6.97 11.44
N PHE B 90 5.88 -8.22 11.84
CA PHE B 90 5.14 -8.53 13.07
C PHE B 90 6.04 -9.33 14.01
N VAL B 91 7.11 -8.64 14.42
CA VAL B 91 8.14 -9.14 15.31
C VAL B 91 7.84 -8.67 16.73
N GLY B 92 7.81 -9.60 17.68
CA GLY B 92 7.54 -9.21 19.06
C GLY B 92 6.29 -8.36 19.18
N ASP B 93 6.31 -7.42 20.12
CA ASP B 93 5.17 -6.51 20.36
C ASP B 93 5.29 -5.12 19.71
N GLY B 94 5.68 -5.10 18.44
CA GLY B 94 5.83 -3.85 17.72
C GLY B 94 4.51 -3.13 17.57
N THR B 95 3.45 -3.87 17.25
CA THR B 95 2.13 -3.28 17.05
C THR B 95 1.47 -2.75 18.31
N THR B 96 1.59 -3.49 19.42
CA THR B 96 1.03 -3.04 20.71
C THR B 96 1.79 -1.78 21.15
N THR B 97 3.10 -1.79 20.98
CA THR B 97 3.94 -0.65 21.31
C THR B 97 3.57 0.54 20.42
N ALA B 98 3.46 0.32 19.11
CA ALA B 98 3.07 1.39 18.17
C ALA B 98 1.77 2.05 18.59
N VAL B 99 0.73 1.23 18.81
CA VAL B 99 -0.59 1.69 19.21
C VAL B 99 -0.56 2.49 20.51
N ILE B 100 0.17 2.01 21.50
CA ILE B 100 0.29 2.72 22.77
C ILE B 100 0.88 4.13 22.57
N ILE B 101 1.93 4.21 21.75
CA ILE B 101 2.58 5.49 21.48
C ILE B 101 1.68 6.42 20.65
N ALA B 102 0.95 5.86 19.68
CA ALA B 102 0.03 6.67 18.85
C ALA B 102 -1.01 7.32 19.76
N GLY B 103 -1.58 6.56 20.67
CA GLY B 103 -2.55 7.12 21.60
C GLY B 103 -1.89 8.23 22.40
N GLY B 104 -0.64 8.02 22.81
CA GLY B 104 0.06 9.06 23.56
C GLY B 104 0.28 10.32 22.76
N LEU B 105 0.83 10.17 21.57
CA LEU B 105 1.09 11.27 20.66
C LEU B 105 -0.19 12.07 20.42
N LEU B 106 -1.32 11.37 20.23
CA LEU B 106 -2.62 11.98 19.95
C LEU B 106 -3.17 12.74 21.15
N GLN B 107 -3.15 12.11 22.31
CA GLN B 107 -3.61 12.70 23.55
C GLN B 107 -2.83 13.97 23.86
N GLN B 108 -1.51 13.96 23.61
CA GLN B 108 -0.66 15.13 23.84
C GLN B 108 -0.98 16.24 22.82
N ALA B 109 -1.31 15.85 21.59
CA ALA B 109 -1.62 16.80 20.53
C ALA B 109 -2.88 17.54 20.92
N GLN B 110 -3.83 16.84 21.55
CA GLN B 110 -5.07 17.43 22.00
C GLN B 110 -4.71 18.68 22.81
N GLY B 111 -3.90 18.51 23.84
CA GLY B 111 -3.47 19.64 24.66
C GLY B 111 -2.90 20.79 23.85
N LEU B 112 -1.86 20.52 23.06
CA LEU B 112 -1.25 21.53 22.23
C LEU B 112 -2.24 22.27 21.34
N ILE B 113 -3.28 21.58 20.91
CA ILE B 113 -4.27 22.20 20.05
C ILE B 113 -5.18 23.11 20.89
N ASN B 114 -5.39 22.74 22.15
CA ASN B 114 -6.19 23.56 23.06
C ASN B 114 -5.53 24.93 23.20
N GLN B 115 -4.23 24.96 22.94
CA GLN B 115 -3.44 26.19 23.04
C GLN B 115 -3.29 26.89 21.71
N ASN B 116 -4.02 26.43 20.70
CA ASN B 116 -3.98 27.01 19.37
C ASN B 116 -2.70 26.79 18.58
N VAL B 117 -2.06 25.64 18.78
CA VAL B 117 -0.86 25.32 18.02
C VAL B 117 -1.38 24.63 16.75
N HIS B 118 -1.06 25.19 15.58
CA HIS B 118 -1.57 24.63 14.33
C HIS B 118 -1.11 23.21 14.12
N PRO B 119 -2.07 22.31 13.84
CA PRO B 119 -1.82 20.89 13.61
C PRO B 119 -0.65 20.60 12.66
N THR B 120 -0.30 21.58 11.82
CA THR B 120 0.80 21.42 10.86
C THR B 120 2.16 21.54 11.55
N VAL B 121 2.23 22.35 12.61
CA VAL B 121 3.45 22.53 13.39
C VAL B 121 3.66 21.19 14.07
N ILE B 122 2.64 20.78 14.83
CA ILE B 122 2.62 19.50 15.53
C ILE B 122 3.07 18.32 14.65
N SER B 123 2.57 18.24 13.42
CA SER B 123 2.94 17.18 12.48
C SER B 123 4.40 17.29 12.04
N GLU B 124 4.91 18.50 11.95
CA GLU B 124 6.30 18.69 11.58
C GLU B 124 7.14 18.22 12.78
N GLY B 125 6.77 18.70 13.96
CA GLY B 125 7.45 18.34 15.19
C GLY B 125 7.51 16.85 15.39
N TYR B 126 6.38 16.17 15.19
CA TYR B 126 6.33 14.73 15.33
C TYR B 126 7.22 14.08 14.30
N ARG B 127 7.15 14.54 13.07
CA ARG B 127 7.97 13.96 12.01
C ARG B 127 9.45 14.04 12.32
N MET B 128 9.86 15.17 12.84
CA MET B 128 11.26 15.39 13.20
C MET B 128 11.68 14.52 14.38
N ALA B 129 10.93 14.63 15.47
CA ALA B 129 11.25 13.86 16.66
C ALA B 129 11.33 12.38 16.31
N SER B 130 10.49 11.96 15.38
CA SER B 130 10.45 10.58 14.94
C SER B 130 11.80 10.18 14.34
N GLU B 131 12.32 11.08 13.49
CA GLU B 131 13.59 10.87 12.81
C GLU B 131 14.72 10.84 13.81
N GLU B 132 14.73 11.80 14.72
CA GLU B 132 15.77 11.85 15.73
C GLU B 132 15.72 10.59 16.59
N ALA B 133 14.52 10.11 16.86
CA ALA B 133 14.36 8.92 17.68
C ALA B 133 14.95 7.69 16.99
N LYS B 134 14.71 7.52 15.70
CA LYS B 134 15.28 6.36 15.02
C LYS B 134 16.80 6.43 15.17
N ARG B 135 17.32 7.65 15.05
CA ARG B 135 18.74 7.93 15.19
C ARG B 135 19.22 7.48 16.59
N VAL B 136 18.62 8.00 17.65
CA VAL B 136 19.01 7.58 19.00
C VAL B 136 19.11 6.05 19.15
N ILE B 137 18.19 5.32 18.51
CA ILE B 137 18.19 3.87 18.57
C ILE B 137 19.38 3.27 17.86
N ASP B 138 19.63 3.68 16.63
CA ASP B 138 20.80 3.18 15.91
C ASP B 138 22.02 3.44 16.77
N GLU B 139 22.10 4.65 17.27
CA GLU B 139 23.21 5.03 18.12
C GLU B 139 23.32 4.11 19.33
N ILE B 140 22.36 4.17 20.22
CA ILE B 140 22.45 3.37 21.43
C ILE B 140 22.31 1.85 21.27
N SER B 141 22.04 1.37 20.06
CA SER B 141 21.90 -0.07 19.88
C SER B 141 23.19 -0.83 20.23
N THR B 142 23.19 -2.15 20.06
CA THR B 142 24.35 -2.98 20.40
C THR B 142 24.43 -4.17 19.48
N LYS B 143 25.54 -4.32 18.79
CA LYS B 143 25.70 -5.42 17.86
C LYS B 143 25.85 -6.70 18.62
N ILE B 144 25.33 -7.77 18.04
CA ILE B 144 25.41 -9.09 18.65
C ILE B 144 26.79 -9.62 18.27
N GLY B 145 27.56 -10.05 19.26
CA GLY B 145 28.89 -10.53 18.94
C GLY B 145 29.09 -12.04 19.02
N ALA B 146 30.17 -12.42 19.69
CA ALA B 146 30.49 -13.83 19.89
C ALA B 146 29.47 -14.45 20.85
N ASP B 147 28.61 -13.59 21.40
CA ASP B 147 27.54 -13.95 22.34
C ASP B 147 26.26 -14.45 21.68
N GLU B 148 26.26 -14.61 20.36
CA GLU B 148 25.07 -15.04 19.62
C GLU B 148 24.05 -15.92 20.36
N LYS B 149 24.41 -17.17 20.63
CA LYS B 149 23.49 -18.13 21.29
C LYS B 149 22.83 -17.65 22.58
N ALA B 150 23.61 -17.09 23.49
CA ALA B 150 23.10 -16.61 24.76
C ALA B 150 22.16 -15.42 24.58
N LEU B 151 22.52 -14.51 23.67
CA LEU B 151 21.71 -13.31 23.40
C LEU B 151 20.36 -13.71 22.82
N LEU B 152 20.38 -14.37 21.68
CA LEU B 152 19.16 -14.79 21.06
C LEU B 152 18.25 -15.56 22.02
N LEU B 153 18.79 -16.45 22.85
CA LEU B 153 17.95 -17.18 23.80
C LEU B 153 17.26 -16.16 24.72
N LYS B 154 18.04 -15.25 25.27
CA LYS B 154 17.50 -14.24 26.17
C LYS B 154 16.43 -13.43 25.45
N MET B 155 16.57 -13.26 24.14
CA MET B 155 15.58 -12.50 23.39
C MET B 155 14.30 -13.29 23.26
N ALA B 156 14.40 -14.53 22.81
CA ALA B 156 13.24 -15.38 22.67
C ALA B 156 12.49 -15.55 23.98
N GLN B 157 13.20 -15.60 25.11
CA GLN B 157 12.54 -15.74 26.43
C GLN B 157 11.75 -14.50 26.82
N THR B 158 12.35 -13.33 26.60
CA THR B 158 11.73 -12.04 26.89
C THR B 158 10.36 -12.01 26.17
N SER B 159 10.34 -12.44 24.91
CA SER B 159 9.13 -12.49 24.10
C SER B 159 8.12 -13.44 24.78
N LEU B 160 8.50 -14.68 24.97
CA LEU B 160 7.62 -15.66 25.59
C LEU B 160 7.14 -15.22 26.96
N ASN B 161 7.90 -14.33 27.58
CA ASN B 161 7.57 -13.84 28.90
C ASN B 161 6.27 -13.08 29.01
N SER B 162 5.84 -12.49 27.90
CA SER B 162 4.62 -11.68 27.84
C SER B 162 3.38 -12.54 27.65
N LYS B 163 3.59 -13.69 27.01
CA LYS B 163 2.59 -14.66 26.66
C LYS B 163 2.25 -15.71 27.69
N SER B 164 1.20 -16.48 27.43
CA SER B 164 0.82 -17.56 28.32
C SER B 164 1.81 -18.70 28.13
N ALA B 165 2.70 -18.55 27.15
CA ALA B 165 3.71 -19.56 26.88
C ALA B 165 4.88 -19.44 27.83
N SER B 166 4.93 -18.36 28.59
CA SER B 166 6.01 -18.14 29.57
C SER B 166 6.23 -19.42 30.35
N VAL B 167 5.12 -20.00 30.73
CA VAL B 167 5.05 -21.27 31.44
C VAL B 167 6.12 -22.28 31.01
N ALA B 168 6.53 -22.21 29.75
CA ALA B 168 7.52 -23.10 29.19
C ALA B 168 8.47 -22.30 28.32
N LYS B 169 8.85 -21.11 28.79
CA LYS B 169 9.73 -20.23 28.00
C LYS B 169 11.11 -20.74 27.68
N ASP B 170 11.74 -21.46 28.61
CA ASP B 170 13.09 -21.95 28.39
C ASP B 170 13.15 -23.02 27.30
N LYS B 171 12.17 -23.93 27.29
CA LYS B 171 12.12 -24.99 26.29
C LYS B 171 11.70 -24.44 24.94
N LEU B 172 10.67 -23.59 24.92
CA LEU B 172 10.21 -22.99 23.68
C LEU B 172 11.27 -22.07 23.07
N ALA B 173 12.03 -21.35 23.92
CA ALA B 173 13.10 -20.45 23.46
C ALA B 173 14.19 -21.26 22.77
N GLU B 174 14.51 -22.42 23.34
CA GLU B 174 15.51 -23.26 22.74
C GLU B 174 15.01 -23.69 21.36
N ILE B 175 13.77 -24.12 21.28
CA ILE B 175 13.17 -24.55 20.01
C ILE B 175 13.23 -23.40 18.98
N SER B 176 12.84 -22.19 19.40
CA SER B 176 12.88 -21.03 18.52
C SER B 176 14.31 -20.78 18.02
N TYR B 177 15.29 -20.86 18.91
CA TYR B 177 16.69 -20.68 18.52
C TYR B 177 17.17 -21.77 17.54
N GLU B 178 17.00 -23.03 17.93
CA GLU B 178 17.40 -24.15 17.09
C GLU B 178 16.78 -24.06 15.70
N ALA B 179 15.46 -23.85 15.63
CA ALA B 179 14.78 -23.77 14.35
C ALA B 179 15.33 -22.68 13.43
N VAL B 180 15.39 -21.45 13.90
CA VAL B 180 15.89 -20.34 13.07
C VAL B 180 17.34 -20.55 12.68
N LYS B 181 18.16 -20.96 13.64
CA LYS B 181 19.56 -21.19 13.35
C LYS B 181 19.72 -22.21 12.24
N SER B 182 18.85 -23.23 12.23
CA SER B 182 18.89 -24.28 11.22
C SER B 182 18.62 -23.81 9.79
N VAL B 183 17.71 -22.84 9.64
CA VAL B 183 17.33 -22.35 8.31
C VAL B 183 17.99 -21.02 7.87
N ALA B 184 18.81 -20.45 8.76
CA ALA B 184 19.47 -19.18 8.50
C ALA B 184 20.68 -19.30 7.60
N GLU B 185 20.69 -18.52 6.53
CA GLU B 185 21.79 -18.49 5.59
C GLU B 185 22.71 -17.31 5.86
N LEU B 186 23.97 -17.61 6.16
CA LEU B 186 25.01 -16.62 6.45
C LEU B 186 25.62 -16.22 5.11
N ARG B 187 24.96 -15.33 4.37
CA ARG B 187 25.44 -14.90 3.05
C ARG B 187 26.63 -13.96 3.06
N ASP B 188 26.42 -12.65 2.90
CA ASP B 188 27.53 -11.70 2.88
C ASP B 188 28.12 -11.49 4.26
N GLY B 189 28.36 -12.59 4.97
CA GLY B 189 28.83 -12.50 6.34
C GLY B 189 27.59 -12.09 7.14
N LYS B 190 26.48 -11.96 6.41
CA LYS B 190 25.18 -11.55 6.94
C LYS B 190 24.26 -12.76 6.99
N TYR B 191 23.17 -12.63 7.73
CA TYR B 191 22.20 -13.70 7.90
C TYR B 191 20.86 -13.41 7.22
N TYR B 192 20.33 -14.41 6.52
CA TYR B 192 19.06 -14.35 5.82
C TYR B 192 18.25 -15.55 6.28
N VAL B 193 17.04 -15.31 6.77
CA VAL B 193 16.17 -16.38 7.26
C VAL B 193 14.88 -16.45 6.44
N ASP B 194 14.74 -17.55 5.70
CA ASP B 194 13.58 -17.82 4.84
C ASP B 194 12.58 -18.72 5.59
N PHE B 195 11.44 -18.15 5.96
CA PHE B 195 10.45 -18.88 6.69
C PHE B 195 9.74 -20.00 5.98
N ASP B 196 9.99 -20.20 4.70
CA ASP B 196 9.36 -21.31 4.00
C ASP B 196 10.11 -22.59 4.32
N ASN B 197 11.08 -22.46 5.21
CA ASN B 197 11.88 -23.58 5.65
C ASN B 197 11.44 -24.00 7.05
N ILE B 198 10.53 -23.25 7.65
CA ILE B 198 10.05 -23.54 9.00
C ILE B 198 8.55 -23.83 8.91
N GLN B 199 8.21 -25.09 9.17
CA GLN B 199 6.83 -25.54 9.14
C GLN B 199 6.35 -25.60 10.58
N VAL B 200 5.34 -24.81 10.90
CA VAL B 200 4.78 -24.82 12.26
C VAL B 200 3.41 -25.45 12.19
N VAL B 201 3.21 -26.50 12.97
CA VAL B 201 1.96 -27.21 12.95
C VAL B 201 1.46 -27.40 14.37
N LYS B 202 0.16 -27.30 14.57
CA LYS B 202 -0.38 -27.45 15.91
C LYS B 202 -1.30 -28.65 16.06
N LYS B 203 -1.15 -29.36 17.17
CA LYS B 203 -1.98 -30.52 17.43
C LYS B 203 -2.26 -30.58 18.94
N GLN B 204 -3.54 -30.62 19.31
CA GLN B 204 -3.94 -30.67 20.71
C GLN B 204 -3.75 -32.07 21.31
N GLY B 205 -4.13 -32.25 22.57
CA GLY B 205 -3.99 -33.55 23.19
C GLY B 205 -2.60 -33.89 23.73
N GLY B 206 -1.86 -32.87 24.13
CA GLY B 206 -0.55 -33.08 24.68
C GLY B 206 -0.26 -31.87 25.52
N ALA B 207 0.67 -31.95 26.45
CA ALA B 207 1.01 -30.79 27.29
C ALA B 207 1.78 -29.80 26.44
N ILE B 208 1.97 -28.59 26.96
CA ILE B 208 2.74 -27.58 26.24
C ILE B 208 4.21 -28.01 26.13
N ASP B 209 4.67 -28.79 27.09
CA ASP B 209 6.05 -29.28 27.13
C ASP B 209 6.30 -30.29 26.01
N ASP B 210 5.26 -30.93 25.52
CA ASP B 210 5.38 -31.94 24.46
C ASP B 210 5.71 -31.37 23.09
N THR B 211 5.76 -30.03 23.05
CA THR B 211 6.08 -29.29 21.85
C THR B 211 7.48 -29.70 21.45
N GLN B 212 7.68 -30.00 20.17
CA GLN B 212 8.98 -30.45 19.71
C GLN B 212 9.37 -29.98 18.34
N LEU B 213 10.67 -30.06 18.06
CA LEU B 213 11.26 -29.65 16.80
C LEU B 213 11.60 -30.90 16.01
N ILE B 214 11.03 -31.06 14.83
CA ILE B 214 11.29 -32.23 14.00
C ILE B 214 12.13 -31.81 12.82
N ASN B 215 13.22 -32.53 12.55
CA ASN B 215 14.05 -32.20 11.40
C ASN B 215 13.39 -32.74 10.14
N GLY B 216 12.49 -31.95 9.55
CA GLY B 216 11.81 -32.40 8.36
C GLY B 216 10.56 -31.56 8.17
N ILE B 217 9.67 -32.01 7.28
CA ILE B 217 8.42 -31.30 7.03
C ILE B 217 7.25 -32.19 7.40
N ILE B 218 6.47 -31.75 8.37
CA ILE B 218 5.31 -32.51 8.80
C ILE B 218 4.13 -31.99 8.06
N VAL B 219 3.30 -32.88 7.56
CA VAL B 219 2.09 -32.46 6.87
C VAL B 219 0.93 -33.17 7.58
N ASP B 220 -0.04 -32.39 8.05
CA ASP B 220 -1.20 -32.94 8.76
C ASP B 220 -2.19 -33.52 7.77
N LYS B 221 -1.90 -34.73 7.30
CA LYS B 221 -2.72 -35.45 6.34
C LYS B 221 -2.33 -36.91 6.46
N GLU B 222 -3.17 -37.83 5.99
CA GLU B 222 -2.79 -39.22 6.05
C GLU B 222 -2.92 -39.84 4.65
N LYS B 223 -2.35 -41.02 4.42
CA LYS B 223 -2.41 -41.68 3.10
C LYS B 223 -3.83 -41.76 2.62
N VAL B 224 -4.02 -41.56 1.33
CA VAL B 224 -5.34 -41.53 0.74
C VAL B 224 -6.12 -42.83 0.72
N HIS B 225 -5.42 -43.97 0.75
CA HIS B 225 -6.04 -45.29 0.70
C HIS B 225 -5.47 -46.13 1.80
N PRO B 226 -6.31 -46.95 2.46
CA PRO B 226 -5.89 -47.81 3.58
C PRO B 226 -4.78 -48.82 3.23
N GLY B 227 -4.72 -49.21 1.96
CA GLY B 227 -3.73 -50.17 1.53
C GLY B 227 -2.36 -49.66 1.17
N MET B 228 -2.14 -48.36 1.37
CA MET B 228 -0.83 -47.77 1.07
C MET B 228 0.10 -48.03 2.26
N PRO B 229 1.42 -48.03 2.02
CA PRO B 229 2.40 -48.26 3.08
C PRO B 229 2.45 -47.17 4.15
N ASP B 230 2.83 -47.54 5.36
CA ASP B 230 2.94 -46.57 6.44
C ASP B 230 4.27 -45.87 6.43
N VAL B 231 5.23 -46.40 5.68
CA VAL B 231 6.57 -45.81 5.62
C VAL B 231 7.27 -46.20 4.35
N VAL B 232 8.01 -45.26 3.77
CA VAL B 232 8.80 -45.52 2.59
C VAL B 232 10.16 -44.86 2.83
N LYS B 233 11.17 -45.71 2.81
CA LYS B 233 12.54 -45.26 3.03
C LYS B 233 13.01 -44.78 1.68
N ASP B 234 13.93 -43.84 1.68
CA ASP B 234 14.47 -43.25 0.46
C ASP B 234 13.34 -43.00 -0.53
N ALA B 235 12.60 -41.94 -0.25
CA ALA B 235 11.44 -41.53 -1.03
C ALA B 235 11.78 -40.59 -2.16
N LYS B 236 11.16 -40.84 -3.31
CA LYS B 236 11.29 -40.01 -4.50
C LYS B 236 9.87 -39.46 -4.56
N ILE B 237 9.75 -38.20 -4.18
CA ILE B 237 8.48 -37.54 -4.07
C ILE B 237 7.98 -36.80 -5.28
N ALA B 238 6.77 -37.13 -5.73
CA ALA B 238 6.15 -36.45 -6.86
C ALA B 238 5.17 -35.45 -6.24
N LEU B 239 5.36 -34.18 -6.58
CA LEU B 239 4.52 -33.09 -6.07
C LEU B 239 3.65 -32.64 -7.23
N LEU B 240 2.34 -32.85 -7.17
CA LEU B 240 1.47 -32.44 -8.25
C LEU B 240 0.55 -31.29 -7.89
N ASP B 241 0.01 -30.65 -8.91
CA ASP B 241 -0.84 -29.53 -8.67
C ASP B 241 -2.08 -29.77 -9.48
N ALA B 242 -2.17 -30.94 -10.08
CA ALA B 242 -3.32 -31.30 -10.89
C ALA B 242 -3.99 -32.53 -10.26
N PRO B 243 -5.30 -32.73 -10.51
CA PRO B 243 -5.94 -33.91 -9.90
C PRO B 243 -5.68 -35.16 -10.74
N LEU B 244 -5.74 -36.33 -10.11
CA LEU B 244 -5.55 -37.60 -10.81
C LEU B 244 -6.94 -38.10 -11.23
N GLU B 245 -7.44 -37.60 -12.34
CA GLU B 245 -8.75 -38.01 -12.84
C GLU B 245 -8.76 -37.99 -14.34
N ILE B 246 -9.86 -38.48 -14.90
CA ILE B 246 -10.01 -38.52 -16.36
C ILE B 246 -10.18 -37.12 -16.89
N LYS B 247 -9.58 -36.84 -18.03
CA LYS B 247 -9.69 -35.53 -18.66
C LYS B 247 -10.80 -35.54 -19.72
N LYS B 248 -11.77 -34.64 -19.57
CA LYS B 248 -12.89 -34.53 -20.50
C LYS B 248 -12.54 -33.42 -21.51
N PRO B 249 -12.70 -33.69 -22.81
CA PRO B 249 -12.37 -32.67 -23.80
C PRO B 249 -13.07 -31.35 -23.51
N GLU B 250 -12.53 -30.28 -24.09
CA GLU B 250 -13.05 -28.92 -23.95
C GLU B 250 -14.27 -28.70 -24.86
N PHE B 251 -14.21 -29.28 -26.07
CA PHE B 251 -15.32 -29.19 -27.02
C PHE B 251 -16.39 -30.17 -26.54
N ASP B 252 -17.65 -29.89 -26.84
CA ASP B 252 -18.72 -30.78 -26.40
C ASP B 252 -18.50 -32.17 -26.96
N THR B 253 -18.48 -33.19 -26.09
CA THR B 253 -18.21 -34.56 -26.49
C THR B 253 -19.25 -35.60 -26.06
N ASN B 254 -19.59 -36.49 -27.00
CA ASN B 254 -20.55 -37.57 -26.79
C ASN B 254 -20.09 -38.88 -27.41
N LEU B 255 -20.16 -39.96 -26.63
CA LEU B 255 -19.83 -41.29 -27.11
C LEU B 255 -21.09 -41.76 -27.79
N ARG B 256 -20.98 -42.33 -28.99
CA ARG B 256 -22.16 -42.84 -29.68
C ARG B 256 -22.08 -44.36 -29.74
N ILE B 257 -22.87 -45.03 -28.89
CA ILE B 257 -22.86 -46.49 -28.87
C ILE B 257 -24.02 -47.11 -29.65
N GLU B 258 -23.68 -47.82 -30.71
CA GLU B 258 -24.67 -48.45 -31.55
C GLU B 258 -24.51 -49.96 -31.48
N ASP B 259 -23.36 -50.40 -30.98
CA ASP B 259 -23.04 -51.81 -30.86
C ASP B 259 -22.91 -52.09 -29.39
N PRO B 260 -23.72 -53.01 -28.87
CA PRO B 260 -23.64 -53.32 -27.43
C PRO B 260 -22.24 -53.67 -26.96
N SER B 261 -21.43 -54.20 -27.85
CA SER B 261 -20.06 -54.59 -27.52
C SER B 261 -19.09 -53.46 -27.18
N MET B 262 -19.37 -52.26 -27.69
CA MET B 262 -18.52 -51.12 -27.45
C MET B 262 -18.62 -50.65 -26.02
N ILE B 263 -19.74 -50.93 -25.36
CA ILE B 263 -19.90 -50.48 -24.00
C ILE B 263 -18.76 -50.92 -23.12
N GLN B 264 -18.28 -52.15 -23.36
CA GLN B 264 -17.16 -52.69 -22.61
C GLN B 264 -15.87 -52.00 -23.00
N LYS B 265 -15.63 -51.89 -24.30
CA LYS B 265 -14.41 -51.27 -24.79
C LYS B 265 -14.27 -49.83 -24.30
N PHE B 266 -15.39 -49.13 -24.12
CA PHE B 266 -15.35 -47.76 -23.64
C PHE B 266 -14.92 -47.66 -22.18
N LEU B 267 -15.62 -48.32 -21.27
CA LEU B 267 -15.21 -48.26 -19.85
C LEU B 267 -13.76 -48.71 -19.67
N ALA B 268 -13.34 -49.67 -20.48
CA ALA B 268 -11.97 -50.15 -20.43
C ALA B 268 -11.02 -48.98 -20.72
N GLN B 269 -11.31 -48.24 -21.80
CA GLN B 269 -10.50 -47.09 -22.18
C GLN B 269 -10.38 -46.05 -21.12
N GLU B 270 -11.42 -45.88 -20.33
CA GLU B 270 -11.38 -44.90 -19.27
C GLU B 270 -10.45 -45.35 -18.14
N GLU B 271 -10.66 -46.56 -17.65
CA GLU B 271 -9.85 -47.10 -16.57
C GLU B 271 -8.40 -47.15 -17.02
N ASN B 272 -8.19 -47.43 -18.31
CA ASN B 272 -6.84 -47.47 -18.85
C ASN B 272 -6.19 -46.11 -18.82
N MET B 273 -6.97 -45.05 -18.99
CA MET B 273 -6.39 -43.72 -18.96
C MET B 273 -5.81 -43.45 -17.58
N LEU B 274 -6.55 -43.86 -16.55
CA LEU B 274 -6.10 -43.66 -15.17
C LEU B 274 -4.93 -44.56 -14.82
N ARG B 275 -4.99 -45.81 -15.26
CA ARG B 275 -3.92 -46.76 -15.04
C ARG B 275 -2.64 -46.23 -15.65
N GLU B 276 -2.76 -45.60 -16.81
CA GLU B 276 -1.61 -45.01 -17.49
C GLU B 276 -0.98 -43.84 -16.72
N MET B 277 -1.82 -42.93 -16.25
CA MET B 277 -1.37 -41.78 -15.47
C MET B 277 -0.49 -42.25 -14.34
N VAL B 278 -0.92 -43.33 -13.69
CA VAL B 278 -0.17 -43.89 -12.59
C VAL B 278 1.11 -44.48 -13.14
N ASP B 279 1.04 -45.16 -14.28
CA ASP B 279 2.25 -45.74 -14.84
C ASP B 279 3.30 -44.68 -15.13
N LYS B 280 2.91 -43.52 -15.64
CA LYS B 280 3.87 -42.45 -15.93
C LYS B 280 4.60 -41.99 -14.64
N ILE B 281 3.83 -41.63 -13.62
CA ILE B 281 4.36 -41.19 -12.34
C ILE B 281 5.33 -42.24 -11.78
N LYS B 282 4.93 -43.51 -11.89
CA LYS B 282 5.72 -44.62 -11.40
C LYS B 282 6.91 -44.93 -12.28
N SER B 283 6.76 -44.69 -13.58
CA SER B 283 7.83 -44.96 -14.54
C SER B 283 9.00 -44.03 -14.32
N VAL B 284 8.72 -42.86 -13.77
CA VAL B 284 9.77 -41.91 -13.55
C VAL B 284 10.45 -42.12 -12.20
N GLY B 285 10.08 -43.17 -11.49
CA GLY B 285 10.69 -43.44 -10.20
C GLY B 285 9.94 -42.99 -8.96
N ALA B 286 8.88 -42.20 -9.13
CA ALA B 286 8.09 -41.70 -7.99
C ALA B 286 7.72 -42.81 -7.02
N ASN B 287 7.79 -42.45 -5.75
CA ASN B 287 7.58 -43.36 -4.63
C ASN B 287 6.42 -42.85 -3.80
N VAL B 288 6.34 -41.52 -3.75
CA VAL B 288 5.31 -40.81 -3.01
C VAL B 288 4.68 -39.87 -4.01
N VAL B 289 3.40 -39.59 -3.85
CA VAL B 289 2.66 -38.68 -4.73
C VAL B 289 1.87 -37.80 -3.78
N ILE B 290 2.13 -36.51 -3.82
CA ILE B 290 1.42 -35.60 -2.95
C ILE B 290 0.77 -34.60 -3.86
N THR B 291 -0.56 -34.52 -3.82
CA THR B 291 -1.28 -33.60 -4.69
C THR B 291 -2.08 -32.54 -3.95
N GLN B 292 -2.26 -31.39 -4.58
CA GLN B 292 -3.02 -30.28 -4.00
C GLN B 292 -4.51 -30.55 -4.28
N LYS B 293 -4.75 -31.27 -5.38
CA LYS B 293 -6.08 -31.59 -5.84
C LYS B 293 -6.55 -32.98 -5.43
N GLY B 294 -7.47 -33.56 -6.20
CA GLY B 294 -8.01 -34.84 -5.84
C GLY B 294 -7.44 -36.02 -6.56
N ILE B 295 -7.72 -37.21 -6.01
CA ILE B 295 -7.28 -38.46 -6.59
C ILE B 295 -8.49 -39.35 -6.76
N ASP B 296 -8.78 -39.73 -7.99
CA ASP B 296 -9.92 -40.59 -8.31
C ASP B 296 -9.80 -41.93 -7.56
N ASP B 297 -10.93 -42.45 -7.10
CA ASP B 297 -10.97 -43.71 -6.36
C ASP B 297 -10.23 -44.85 -7.04
N MET B 298 -10.34 -44.90 -8.36
CA MET B 298 -9.66 -45.94 -9.13
C MET B 298 -8.16 -45.67 -9.19
N ALA B 299 -7.80 -44.40 -9.21
CA ALA B 299 -6.40 -44.00 -9.24
C ALA B 299 -5.86 -44.36 -7.88
N GLN B 300 -6.68 -44.18 -6.84
CA GLN B 300 -6.25 -44.53 -5.50
C GLN B 300 -5.97 -46.03 -5.45
N HIS B 301 -6.77 -46.81 -6.15
CA HIS B 301 -6.55 -48.23 -6.17
C HIS B 301 -5.22 -48.51 -6.83
N TYR B 302 -5.01 -47.96 -8.02
CA TYR B 302 -3.77 -48.20 -8.74
C TYR B 302 -2.48 -47.82 -8.01
N LEU B 303 -2.45 -46.64 -7.40
CA LEU B 303 -1.28 -46.17 -6.64
C LEU B 303 -1.02 -47.17 -5.53
N SER B 304 -2.09 -47.51 -4.83
CA SER B 304 -2.02 -48.46 -3.73
C SER B 304 -1.38 -49.72 -4.25
N ARG B 305 -1.95 -50.29 -5.31
CA ARG B 305 -1.42 -51.50 -5.90
C ARG B 305 0.03 -51.39 -6.32
N ALA B 306 0.46 -50.20 -6.74
CA ALA B 306 1.86 -50.02 -7.15
C ALA B 306 2.74 -49.79 -5.92
N GLY B 307 2.11 -49.74 -4.74
CA GLY B 307 2.84 -49.53 -3.50
C GLY B 307 3.34 -48.11 -3.34
N ILE B 308 2.52 -47.15 -3.76
CA ILE B 308 2.87 -45.76 -3.68
C ILE B 308 2.14 -45.07 -2.52
N TYR B 309 2.83 -44.23 -1.76
CA TYR B 309 2.18 -43.56 -0.65
C TYR B 309 1.71 -42.24 -1.21
N ALA B 310 0.40 -42.04 -1.21
CA ALA B 310 -0.17 -40.83 -1.76
C ALA B 310 -1.04 -40.11 -0.76
N VAL B 311 -0.98 -38.78 -0.78
CA VAL B 311 -1.79 -37.93 0.11
C VAL B 311 -2.45 -36.92 -0.86
N ARG B 312 -3.68 -36.48 -0.60
CA ARG B 312 -4.40 -35.57 -1.50
C ARG B 312 -4.93 -34.30 -0.87
N ARG B 313 -5.39 -33.40 -1.70
CA ARG B 313 -5.91 -32.13 -1.24
C ARG B 313 -5.03 -31.46 -0.20
N VAL B 314 -3.73 -31.45 -0.47
CA VAL B 314 -2.73 -30.81 0.41
C VAL B 314 -2.77 -29.27 0.32
N LYS B 315 -2.53 -28.60 1.43
CA LYS B 315 -2.50 -27.12 1.46
C LYS B 315 -1.40 -26.61 0.53
N LYS B 316 -1.69 -25.54 -0.22
CA LYS B 316 -0.70 -24.96 -1.14
C LYS B 316 0.55 -24.55 -0.40
N SER B 317 0.36 -23.92 0.76
CA SER B 317 1.49 -23.50 1.56
C SER B 317 2.36 -24.70 1.91
N ASP B 318 1.70 -25.84 2.16
CA ASP B 318 2.40 -27.08 2.50
C ASP B 318 3.14 -27.60 1.28
N MET B 319 2.56 -27.40 0.11
CA MET B 319 3.17 -27.81 -1.12
C MET B 319 4.47 -27.03 -1.27
N ASP B 320 4.40 -25.70 -1.20
CA ASP B 320 5.58 -24.85 -1.34
C ASP B 320 6.74 -25.22 -0.44
N LYS B 321 6.45 -25.60 0.81
CA LYS B 321 7.47 -26.01 1.78
C LYS B 321 8.07 -27.39 1.47
N LEU B 322 7.27 -28.28 0.90
CA LEU B 322 7.73 -29.60 0.55
C LEU B 322 8.66 -29.50 -0.65
N ALA B 323 8.36 -28.58 -1.56
CA ALA B 323 9.18 -28.39 -2.75
C ALA B 323 10.55 -27.89 -2.33
N LYS B 324 10.58 -26.88 -1.46
CA LYS B 324 11.85 -26.35 -0.98
C LYS B 324 12.72 -27.38 -0.27
N ALA B 325 12.11 -28.17 0.62
CA ALA B 325 12.88 -29.17 1.36
C ALA B 325 13.28 -30.42 0.58
N THR B 326 12.44 -30.88 -0.33
CA THR B 326 12.77 -32.07 -1.10
C THR B 326 13.38 -31.71 -2.45
N GLY B 327 13.23 -30.46 -2.88
CA GLY B 327 13.79 -30.03 -4.14
C GLY B 327 12.95 -30.46 -5.33
N ALA B 328 11.68 -30.75 -5.07
CA ALA B 328 10.77 -31.18 -6.11
C ALA B 328 10.20 -29.96 -6.78
N SER B 329 9.66 -30.16 -7.98
CA SER B 329 9.01 -29.08 -8.72
C SER B 329 7.54 -29.48 -8.73
N ILE B 330 6.65 -28.53 -8.48
CA ILE B 330 5.23 -28.83 -8.48
C ILE B 330 4.78 -28.93 -9.93
N VAL B 331 4.36 -30.12 -10.36
CA VAL B 331 3.91 -30.39 -11.73
C VAL B 331 2.39 -30.28 -11.92
N SER B 332 1.96 -29.69 -13.05
CA SER B 332 0.53 -29.55 -13.37
C SER B 332 0.19 -30.34 -14.61
N THR B 333 1.21 -30.88 -15.27
CA THR B 333 1.01 -31.66 -16.47
C THR B 333 1.62 -33.04 -16.22
N ILE B 334 0.87 -33.94 -15.58
CA ILE B 334 1.38 -35.27 -15.27
C ILE B 334 2.03 -35.91 -16.48
N ASP B 335 1.39 -35.72 -17.62
CA ASP B 335 1.85 -36.29 -18.87
C ASP B 335 3.31 -35.96 -19.15
N GLU B 336 3.68 -34.73 -18.81
CA GLU B 336 5.02 -34.22 -19.04
C GLU B 336 5.94 -34.31 -17.81
N ILE B 337 5.59 -35.18 -16.86
CA ILE B 337 6.40 -35.31 -15.66
C ILE B 337 7.70 -36.04 -15.96
N SER B 338 8.76 -35.71 -15.23
CA SER B 338 10.05 -36.35 -15.42
C SER B 338 10.74 -36.46 -14.08
N SER B 339 11.79 -37.28 -14.04
CA SER B 339 12.55 -37.54 -12.82
C SER B 339 13.24 -36.31 -12.29
N SER B 340 13.49 -35.34 -13.17
CA SER B 340 14.13 -34.11 -12.73
C SER B 340 13.18 -33.45 -11.78
N ASP B 341 11.88 -33.71 -11.96
CA ASP B 341 10.87 -33.08 -11.12
C ASP B 341 10.72 -33.64 -9.73
N LEU B 342 11.19 -34.88 -9.52
CA LEU B 342 11.07 -35.55 -8.24
C LEU B 342 11.87 -34.97 -7.09
N GLY B 343 11.29 -34.98 -5.90
CA GLY B 343 11.96 -34.49 -4.72
C GLY B 343 12.56 -35.68 -4.01
N THR B 344 13.37 -35.41 -3.01
CA THR B 344 14.05 -36.45 -2.25
C THR B 344 13.96 -36.32 -0.73
N ALA B 345 13.85 -37.44 -0.05
CA ALA B 345 13.82 -37.47 1.41
C ALA B 345 14.17 -38.90 1.82
N GLU B 346 14.91 -39.01 2.92
CA GLU B 346 15.36 -40.31 3.43
C GLU B 346 14.18 -41.19 3.83
N ARG B 347 13.07 -40.59 4.26
CA ARG B 347 11.89 -41.38 4.59
C ARG B 347 10.61 -40.57 4.76
N VAL B 348 9.50 -41.13 4.29
CA VAL B 348 8.18 -40.53 4.42
C VAL B 348 7.39 -41.55 5.23
N GLU B 349 6.69 -41.09 6.25
CA GLU B 349 6.02 -42.03 7.10
C GLU B 349 4.80 -41.47 7.76
N GLN B 350 3.77 -42.29 7.92
CA GLN B 350 2.57 -41.84 8.58
C GLN B 350 2.78 -42.16 10.06
N VAL B 351 2.58 -41.17 10.93
CA VAL B 351 2.74 -41.40 12.36
C VAL B 351 1.51 -40.85 13.03
N LYS B 352 1.10 -41.44 14.16
CA LYS B 352 -0.08 -40.92 14.84
C LYS B 352 0.32 -39.90 15.85
N VAL B 353 -0.21 -38.69 15.70
CA VAL B 353 0.09 -37.63 16.62
C VAL B 353 -1.19 -37.38 17.36
N GLY B 354 -1.29 -38.02 18.53
CA GLY B 354 -2.46 -37.92 19.38
C GLY B 354 -3.57 -38.76 18.82
N GLU B 355 -4.63 -38.07 18.41
CA GLU B 355 -5.78 -38.74 17.84
C GLU B 355 -5.48 -38.96 16.36
N ASP B 356 -5.02 -37.88 15.71
CA ASP B 356 -4.73 -37.84 14.28
C ASP B 356 -3.51 -38.56 13.69
N TYR B 357 -3.56 -38.74 12.37
CA TYR B 357 -2.50 -39.37 11.59
C TYR B 357 -1.92 -38.27 10.69
N MET B 358 -0.60 -38.14 10.76
CA MET B 358 0.13 -37.15 9.99
C MET B 358 1.19 -37.81 9.11
N THR B 359 1.69 -37.07 8.13
CA THR B 359 2.74 -37.59 7.28
C THR B 359 3.99 -36.74 7.50
N PHE B 360 5.04 -37.41 7.96
CA PHE B 360 6.34 -36.82 8.27
C PHE B 360 7.33 -37.09 7.13
N VAL B 361 7.81 -36.05 6.45
CA VAL B 361 8.80 -36.25 5.38
C VAL B 361 10.10 -35.83 6.04
N THR B 362 10.89 -36.83 6.38
CA THR B 362 12.14 -36.68 7.12
C THR B 362 13.42 -36.86 6.33
N GLY B 363 14.49 -36.27 6.83
CA GLY B 363 15.76 -36.37 6.15
C GLY B 363 15.63 -35.83 4.76
N CYS B 364 15.19 -34.58 4.63
CA CYS B 364 15.02 -33.99 3.31
C CYS B 364 16.32 -33.69 2.57
N LYS B 365 16.22 -33.49 1.26
CA LYS B 365 17.37 -33.17 0.41
C LYS B 365 17.96 -31.87 0.93
N ASN B 366 17.09 -30.90 1.18
CA ASN B 366 17.45 -29.58 1.72
C ASN B 366 17.31 -29.72 3.24
N PRO B 367 18.44 -29.79 3.95
CA PRO B 367 18.52 -29.94 5.42
C PRO B 367 18.23 -28.66 6.23
N LYS B 368 18.04 -27.55 5.52
CA LYS B 368 17.69 -26.31 6.18
C LYS B 368 16.17 -26.28 6.04
N ALA B 369 15.51 -27.32 6.54
CA ALA B 369 14.06 -27.47 6.49
C ALA B 369 13.67 -28.09 7.83
N VAL B 370 12.87 -27.37 8.61
CA VAL B 370 12.50 -27.84 9.93
C VAL B 370 11.00 -27.64 10.26
N SER B 371 10.51 -28.39 11.24
CA SER B 371 9.11 -28.32 11.69
C SER B 371 9.01 -28.26 13.19
N ILE B 372 7.97 -27.60 13.68
CA ILE B 372 7.73 -27.51 15.12
C ILE B 372 6.32 -28.03 15.32
N LEU B 373 6.19 -29.06 16.14
CA LEU B 373 4.87 -29.63 16.44
C LEU B 373 4.39 -29.00 17.77
N VAL B 374 3.52 -28.00 17.66
CA VAL B 374 3.01 -27.31 18.83
C VAL B 374 1.90 -28.10 19.51
N ARG B 375 2.05 -28.37 20.80
CA ARG B 375 1.06 -29.11 21.61
C ARG B 375 0.44 -28.25 22.71
N GLY B 376 -0.78 -28.61 23.10
CA GLY B 376 -1.53 -27.92 24.15
C GLY B 376 -2.63 -28.91 24.38
N GLU B 377 -3.25 -28.90 25.55
CA GLU B 377 -4.29 -29.90 25.83
C GLU B 377 -5.59 -29.67 25.13
N THR B 378 -5.92 -28.39 25.06
CA THR B 378 -7.13 -27.79 24.53
C THR B 378 -6.88 -27.05 23.19
N GLU B 379 -7.93 -26.88 22.40
CA GLU B 379 -7.82 -26.22 21.11
C GLU B 379 -7.38 -24.77 21.27
N HIS B 380 -8.09 -24.04 22.10
CA HIS B 380 -7.76 -22.65 22.32
C HIS B 380 -6.45 -22.41 23.02
N VAL B 381 -5.87 -23.47 23.56
CA VAL B 381 -4.60 -23.37 24.24
C VAL B 381 -3.54 -23.56 23.19
N VAL B 382 -3.72 -24.58 22.37
CA VAL B 382 -2.74 -24.85 21.35
C VAL B 382 -2.69 -23.70 20.35
N ASP B 383 -3.82 -23.05 20.09
CA ASP B 383 -3.85 -21.91 19.17
C ASP B 383 -2.92 -20.80 19.65
N GLU B 384 -3.06 -20.41 20.92
CA GLU B 384 -2.23 -19.36 21.48
C GLU B 384 -0.77 -19.77 21.55
N MET B 385 -0.48 -21.07 21.74
CA MET B 385 0.90 -21.52 21.77
C MET B 385 1.55 -21.28 20.40
N GLU B 386 0.84 -21.58 19.34
CA GLU B 386 1.40 -21.38 18.03
C GLU B 386 1.60 -19.89 17.76
N ARG B 387 0.67 -19.08 18.23
CA ARG B 387 0.80 -17.65 18.04
C ARG B 387 2.08 -17.23 18.77
N SER B 388 2.24 -17.66 20.00
CA SER B 388 3.42 -17.32 20.79
C SER B 388 4.71 -17.79 20.13
N ILE B 389 4.77 -19.05 19.70
CA ILE B 389 5.97 -19.56 19.07
C ILE B 389 6.29 -18.85 17.76
N THR B 390 5.28 -18.49 16.98
CA THR B 390 5.55 -17.82 15.73
C THR B 390 6.16 -16.44 16.01
N ASP B 391 5.83 -15.87 17.16
CA ASP B 391 6.38 -14.57 17.60
C ASP B 391 7.87 -14.72 17.89
N SER B 392 8.20 -15.72 18.71
CA SER B 392 9.58 -16.04 19.07
C SER B 392 10.47 -16.23 17.84
N LEU B 393 9.98 -17.00 16.88
CA LEU B 393 10.72 -17.26 15.67
C LEU B 393 11.06 -15.95 14.97
N HIS B 394 10.11 -15.03 14.89
CA HIS B 394 10.34 -13.74 14.24
C HIS B 394 11.22 -12.80 15.04
N VAL B 395 11.19 -12.96 16.34
CA VAL B 395 12.04 -12.16 17.19
C VAL B 395 13.49 -12.58 16.91
N VAL B 396 13.86 -13.82 17.27
CA VAL B 396 15.24 -14.26 17.05
C VAL B 396 15.69 -14.09 15.60
N ALA B 397 14.82 -14.40 14.65
CA ALA B 397 15.21 -14.26 13.26
C ALA B 397 15.52 -12.80 12.89
N SER B 398 14.74 -11.84 13.36
CA SER B 398 15.02 -10.45 13.00
C SER B 398 16.24 -9.91 13.75
N ALA B 399 16.56 -10.46 14.90
CA ALA B 399 17.73 -10.06 15.67
C ALA B 399 18.93 -10.58 14.88
N LEU B 400 18.90 -11.85 14.50
CA LEU B 400 19.98 -12.45 13.72
C LEU B 400 20.18 -11.63 12.44
N GLU B 401 19.10 -11.26 11.77
CA GLU B 401 19.22 -10.51 10.55
C GLU B 401 19.74 -9.09 10.75
N ASP B 402 19.15 -8.34 11.69
CA ASP B 402 19.61 -6.97 11.97
C ASP B 402 21.04 -6.92 12.50
N GLY B 403 21.40 -7.87 13.38
CA GLY B 403 22.74 -7.88 13.94
C GLY B 403 22.90 -7.08 15.22
N ALA B 404 21.85 -6.40 15.65
CA ALA B 404 21.96 -5.60 16.87
C ALA B 404 20.72 -5.73 17.74
N TYR B 405 20.81 -5.23 18.95
CA TYR B 405 19.69 -5.33 19.84
C TYR B 405 19.67 -4.10 20.72
N ALA B 406 18.51 -3.82 21.29
CA ALA B 406 18.33 -2.68 22.18
C ALA B 406 17.72 -3.23 23.45
N ALA B 407 17.98 -2.56 24.56
CA ALA B 407 17.46 -2.99 25.86
C ALA B 407 15.95 -2.78 26.01
N GLY B 408 15.27 -3.74 26.62
CA GLY B 408 13.85 -3.62 26.83
C GLY B 408 13.61 -2.95 28.16
N GLY B 409 12.48 -3.27 28.78
CA GLY B 409 12.12 -2.72 30.08
C GLY B 409 11.80 -1.25 30.12
N GLY B 410 11.64 -0.65 28.95
CA GLY B 410 11.35 0.76 28.90
C GLY B 410 12.64 1.56 28.92
N ALA B 411 13.77 0.87 28.94
CA ALA B 411 15.08 1.52 28.98
C ALA B 411 15.33 2.39 27.75
N THR B 412 15.25 1.76 26.60
CA THR B 412 15.45 2.39 25.32
C THR B 412 14.44 3.50 25.03
N ALA B 413 13.27 3.45 25.67
CA ALA B 413 12.26 4.48 25.47
C ALA B 413 12.54 5.64 26.38
N ALA B 414 13.01 5.33 27.58
CA ALA B 414 13.34 6.39 28.52
C ALA B 414 14.53 7.14 27.96
N GLU B 415 15.41 6.43 27.27
CA GLU B 415 16.58 7.06 26.68
C GLU B 415 16.12 8.00 25.59
N ILE B 416 15.42 7.46 24.58
CA ILE B 416 14.90 8.28 23.50
C ILE B 416 14.18 9.51 24.07
N ALA B 417 13.36 9.32 25.09
CA ALA B 417 12.65 10.47 25.69
C ALA B 417 13.65 11.49 26.18
N PHE B 418 14.67 11.02 26.87
CA PHE B 418 15.72 11.87 27.41
C PHE B 418 16.41 12.66 26.31
N ARG B 419 16.80 11.97 25.25
CA ARG B 419 17.48 12.59 24.14
C ARG B 419 16.63 13.47 23.23
N LEU B 420 15.30 13.41 23.34
CA LEU B 420 14.44 14.27 22.54
C LEU B 420 14.27 15.59 23.29
N ARG B 421 14.21 15.54 24.61
CA ARG B 421 14.08 16.76 25.39
C ARG B 421 15.27 17.68 25.12
N SER B 422 16.44 17.12 24.80
CA SER B 422 17.63 17.93 24.49
C SER B 422 17.39 18.54 23.13
N TYR B 423 17.35 17.68 22.13
CA TYR B 423 17.14 18.03 20.74
C TYR B 423 16.01 19.06 20.52
N ALA B 424 15.00 19.04 21.38
CA ALA B 424 13.90 19.99 21.28
C ALA B 424 14.45 21.39 21.46
N GLN B 425 15.25 21.58 22.50
CA GLN B 425 15.84 22.88 22.80
C GLN B 425 16.80 23.36 21.69
N LYS B 426 17.29 22.45 20.87
CA LYS B 426 18.17 22.80 19.76
C LYS B 426 17.29 23.28 18.60
N ILE B 427 16.18 22.56 18.36
CA ILE B 427 15.22 22.90 17.31
C ILE B 427 14.12 23.69 18.01
N GLY B 428 14.52 24.78 18.66
CA GLY B 428 13.56 25.60 19.39
C GLY B 428 12.38 26.11 18.59
N GLY B 429 11.50 26.84 19.28
CA GLY B 429 10.32 27.39 18.62
C GLY B 429 9.04 26.66 18.99
N ARG B 430 8.09 26.62 18.05
CA ARG B 430 6.83 25.92 18.28
C ARG B 430 7.07 24.44 18.02
N GLN B 431 7.97 24.14 17.07
CA GLN B 431 8.31 22.75 16.76
C GLN B 431 8.73 22.09 18.06
N GLN B 432 9.52 22.82 18.85
CA GLN B 432 9.99 22.31 20.12
C GLN B 432 8.89 21.76 21.03
N LEU B 433 7.74 22.42 21.11
CA LEU B 433 6.63 21.94 21.93
C LEU B 433 6.15 20.58 21.45
N ALA B 434 6.06 20.42 20.13
CA ALA B 434 5.62 19.16 19.56
C ALA B 434 6.63 18.08 19.90
N ILE B 435 7.93 18.43 19.85
CA ILE B 435 9.04 17.49 20.15
C ILE B 435 9.11 17.05 21.61
N GLU B 436 8.80 17.97 22.51
CA GLU B 436 8.78 17.63 23.92
C GLU B 436 7.57 16.74 24.16
N LYS B 437 6.44 17.05 23.54
CA LYS B 437 5.22 16.24 23.66
C LYS B 437 5.46 14.85 23.10
N PHE B 438 6.30 14.75 22.09
CA PHE B 438 6.61 13.46 21.51
C PHE B 438 7.39 12.64 22.55
N ALA B 439 8.25 13.30 23.34
CA ALA B 439 9.02 12.62 24.38
C ALA B 439 8.09 12.11 25.46
N ASP B 440 7.17 12.93 25.91
CA ASP B 440 6.21 12.52 26.95
C ASP B 440 5.44 11.28 26.49
N ALA B 441 5.12 11.23 25.21
CA ALA B 441 4.38 10.12 24.62
C ALA B 441 5.14 8.82 24.61
N ILE B 442 6.43 8.90 24.31
CA ILE B 442 7.27 7.72 24.29
C ILE B 442 7.25 7.15 25.72
N GLU B 443 7.16 8.03 26.70
CA GLU B 443 7.11 7.59 28.07
C GLU B 443 5.85 6.84 28.39
N GLU B 444 5.00 6.63 27.40
CA GLU B 444 3.78 5.88 27.63
C GLU B 444 4.16 4.44 27.85
N ILE B 445 5.24 4.01 27.21
CA ILE B 445 5.72 2.63 27.35
C ILE B 445 6.11 2.32 28.82
N PRO B 446 7.08 3.03 29.41
CA PRO B 446 7.43 2.73 30.82
C PRO B 446 6.23 2.86 31.74
N ARG B 447 5.31 3.77 31.43
CA ARG B 447 4.13 3.94 32.26
C ARG B 447 3.25 2.69 32.17
N ALA B 448 2.96 2.23 30.95
CA ALA B 448 2.14 1.05 30.74
C ALA B 448 2.72 -0.11 31.52
N LEU B 449 4.01 -0.36 31.33
CA LEU B 449 4.75 -1.45 32.01
C LEU B 449 4.62 -1.35 33.52
N ALA B 450 4.80 -0.16 34.06
CA ALA B 450 4.71 0.03 35.49
C ALA B 450 3.27 -0.24 35.91
N GLU B 451 2.32 0.45 35.30
CA GLU B 451 0.92 0.29 35.61
C GLU B 451 0.56 -1.16 35.58
N ASN B 452 0.91 -1.84 34.51
CA ASN B 452 0.59 -3.25 34.39
C ASN B 452 1.16 -4.15 35.49
N ALA B 453 2.40 -3.91 35.92
CA ALA B 453 3.01 -4.76 36.94
C ALA B 453 2.53 -4.46 38.35
N GLY B 454 1.83 -3.36 38.53
CA GLY B 454 1.36 -3.00 39.86
C GLY B 454 2.33 -2.10 40.59
N LEU B 455 3.16 -1.38 39.82
CA LEU B 455 4.14 -0.46 40.38
C LEU B 455 3.55 0.94 40.34
N ASP B 456 4.28 1.92 40.84
CA ASP B 456 3.80 3.29 40.83
C ASP B 456 4.45 4.01 39.64
N PRO B 457 3.65 4.33 38.61
CA PRO B 457 4.10 5.02 37.40
C PRO B 457 4.88 6.27 37.69
N ILE B 458 4.24 7.24 38.32
CA ILE B 458 4.88 8.51 38.60
C ILE B 458 6.18 8.35 39.38
N ASP B 459 6.30 7.28 40.15
CA ASP B 459 7.50 7.02 40.95
C ASP B 459 8.61 6.36 40.13
N ILE B 460 8.25 5.34 39.36
CA ILE B 460 9.19 4.64 38.51
C ILE B 460 9.75 5.62 37.48
N LEU B 461 8.88 6.43 36.89
CA LEU B 461 9.23 7.42 35.87
C LEU B 461 10.29 8.42 36.28
N LEU B 462 10.17 8.90 37.51
CA LEU B 462 11.11 9.86 38.06
C LEU B 462 12.48 9.21 38.24
N LYS B 463 12.51 8.00 38.80
CA LYS B 463 13.78 7.28 38.96
C LYS B 463 14.38 6.98 37.59
N LEU B 464 13.53 6.55 36.66
CA LEU B 464 13.94 6.20 35.28
C LEU B 464 14.62 7.38 34.58
N ARG B 465 14.03 8.56 34.72
CA ARG B 465 14.60 9.77 34.14
C ARG B 465 15.98 10.05 34.78
N ALA B 466 16.08 9.87 36.10
CA ALA B 466 17.33 10.11 36.82
C ALA B 466 18.46 9.29 36.29
N GLU B 467 18.26 7.98 36.24
CA GLU B 467 19.29 7.08 35.74
C GLU B 467 19.75 7.41 34.34
N HIS B 468 18.83 7.77 33.46
CA HIS B 468 19.21 8.08 32.08
C HIS B 468 19.91 9.42 31.94
N ALA B 469 19.57 10.34 32.83
CA ALA B 469 20.19 11.66 32.85
C ALA B 469 21.65 11.41 33.23
N LYS B 470 21.85 10.56 34.24
CA LYS B 470 23.18 10.17 34.70
C LYS B 470 23.81 9.13 33.79
N GLY B 471 23.47 9.19 32.51
CA GLY B 471 24.03 8.29 31.52
C GLY B 471 23.76 6.80 31.52
N ASN B 472 22.76 6.33 32.24
CA ASN B 472 22.46 4.90 32.26
C ASN B 472 21.55 4.42 31.15
N LYS B 473 22.09 4.41 29.93
CA LYS B 473 21.39 4.02 28.72
C LYS B 473 20.52 2.77 28.77
N THR B 474 21.04 1.73 29.38
CA THR B 474 20.36 0.46 29.45
C THR B 474 19.46 0.24 30.65
N TYR B 475 19.25 1.28 31.46
CA TYR B 475 18.40 1.14 32.63
C TYR B 475 16.91 1.02 32.34
N GLY B 476 16.28 0.01 32.93
CA GLY B 476 14.88 -0.19 32.71
C GLY B 476 14.12 -0.66 33.92
N ILE B 477 12.87 -1.03 33.69
CA ILE B 477 11.96 -1.47 34.73
C ILE B 477 11.95 -2.97 34.94
N ASN B 478 12.50 -3.43 36.05
CA ASN B 478 12.47 -4.85 36.35
C ASN B 478 11.14 -5.03 37.09
N VAL B 479 10.11 -5.49 36.39
CA VAL B 479 8.78 -5.65 36.96
C VAL B 479 8.67 -6.71 38.05
N PHE B 480 9.67 -7.58 38.11
CA PHE B 480 9.68 -8.67 39.10
C PHE B 480 10.14 -8.11 40.42
N THR B 481 11.27 -7.40 40.42
CA THR B 481 11.79 -6.80 41.65
C THR B 481 11.19 -5.40 41.83
N GLY B 482 10.71 -4.82 40.74
CA GLY B 482 10.14 -3.48 40.78
C GLY B 482 11.26 -2.45 41.00
N GLU B 483 12.39 -2.67 40.33
CA GLU B 483 13.52 -1.79 40.51
C GLU B 483 14.13 -1.45 39.16
N ILE B 484 14.72 -0.26 39.08
CA ILE B 484 15.37 0.18 37.85
C ILE B 484 16.76 -0.45 37.85
N GLU B 485 17.02 -1.25 36.84
CA GLU B 485 18.27 -1.96 36.74
C GLU B 485 18.79 -1.93 35.31
N ASP B 486 19.80 -2.74 35.04
CA ASP B 486 20.42 -2.83 33.74
C ASP B 486 19.63 -3.90 33.00
N MET B 487 18.90 -3.51 31.97
CA MET B 487 18.10 -4.47 31.22
C MET B 487 18.88 -5.50 30.45
N VAL B 488 20.08 -5.19 29.97
CA VAL B 488 20.82 -6.20 29.21
C VAL B 488 21.44 -7.23 30.15
N LYS B 489 21.88 -6.75 31.31
CA LYS B 489 22.48 -7.63 32.30
C LYS B 489 21.42 -8.66 32.67
N ASN B 490 20.22 -8.17 32.96
CA ASN B 490 19.10 -9.02 33.33
C ASN B 490 18.56 -9.80 32.14
N GLY B 491 19.08 -9.52 30.94
CA GLY B 491 18.64 -10.23 29.74
C GLY B 491 17.41 -9.76 28.97
N VAL B 492 16.70 -8.76 29.48
CA VAL B 492 15.50 -8.28 28.80
C VAL B 492 15.93 -7.39 27.65
N ILE B 493 15.98 -7.99 26.47
CA ILE B 493 16.42 -7.30 25.28
C ILE B 493 15.55 -7.63 24.06
N GLU B 494 15.51 -6.70 23.10
CA GLU B 494 14.69 -6.84 21.90
C GLU B 494 15.43 -6.44 20.66
N PRO B 495 14.99 -6.95 19.50
CA PRO B 495 15.62 -6.62 18.21
C PRO B 495 15.52 -5.12 18.01
N ILE B 496 16.51 -4.55 17.32
CA ILE B 496 16.51 -3.11 17.11
C ILE B 496 15.29 -2.72 16.23
N ARG B 497 14.92 -3.63 15.35
CA ARG B 497 13.80 -3.44 14.43
C ARG B 497 12.42 -3.11 15.06
N VAL B 498 12.11 -3.72 16.20
CA VAL B 498 10.82 -3.52 16.88
C VAL B 498 10.60 -2.07 17.24
N GLY B 499 11.63 -1.40 17.75
CA GLY B 499 11.51 -0.01 18.15
C GLY B 499 11.44 0.99 17.02
N LYS B 500 12.22 0.77 15.97
CA LYS B 500 12.19 1.67 14.83
C LYS B 500 10.82 1.65 14.15
N GLN B 501 10.32 0.45 13.88
CA GLN B 501 9.03 0.30 13.24
C GLN B 501 7.92 0.83 14.11
N ALA B 502 7.92 0.47 15.39
CA ALA B 502 6.88 0.95 16.28
C ALA B 502 6.83 2.49 16.30
N ILE B 503 7.97 3.18 16.41
CA ILE B 503 7.92 4.65 16.41
C ILE B 503 7.57 5.14 15.00
N GLU B 504 7.91 4.36 13.98
CA GLU B 504 7.58 4.71 12.60
C GLU B 504 6.06 4.68 12.39
N SER B 505 5.45 3.53 12.72
CA SER B 505 4.01 3.35 12.60
C SER B 505 3.22 4.27 13.48
N ALA B 506 3.72 4.47 14.69
CA ALA B 506 3.05 5.32 15.65
C ALA B 506 2.96 6.75 15.16
N THR B 507 4.04 7.33 14.64
CA THR B 507 3.93 8.72 14.20
C THR B 507 3.10 8.93 12.96
N GLU B 508 3.09 7.96 12.04
CA GLU B 508 2.24 8.06 10.84
C GLU B 508 0.77 7.99 11.20
N ALA B 509 0.41 7.11 12.11
CA ALA B 509 -0.98 6.98 12.55
C ALA B 509 -1.49 8.27 13.19
N ALA B 510 -0.66 8.92 13.98
CA ALA B 510 -1.04 10.16 14.66
C ALA B 510 -1.05 11.35 13.72
N ILE B 511 -0.14 11.39 12.76
CA ILE B 511 -0.13 12.50 11.83
C ILE B 511 -1.36 12.44 10.94
N MET B 512 -1.75 11.24 10.53
CA MET B 512 -2.95 11.07 9.70
C MET B 512 -4.20 11.60 10.36
N ILE B 513 -4.40 11.31 11.64
CA ILE B 513 -5.58 11.80 12.33
C ILE B 513 -5.46 13.32 12.58
N LEU B 514 -4.26 13.78 12.90
CA LEU B 514 -4.03 15.20 13.18
C LEU B 514 -4.34 16.11 11.99
N ARG B 515 -4.17 15.61 10.76
CA ARG B 515 -4.44 16.41 9.57
C ARG B 515 -5.90 16.49 9.15
N ILE B 516 -6.73 15.55 9.62
CA ILE B 516 -8.14 15.50 9.25
C ILE B 516 -9.01 16.46 10.05
N ASP B 517 -9.68 17.39 9.39
CA ASP B 517 -10.54 18.31 10.12
C ASP B 517 -12.03 18.10 9.87
N ASP B 518 -12.38 17.09 9.10
CA ASP B 518 -13.77 16.85 8.82
C ASP B 518 -13.94 15.44 8.31
N VAL B 519 -15.06 14.82 8.67
CA VAL B 519 -15.40 13.48 8.21
C VAL B 519 -16.78 13.55 7.51
N ILE B 520 -16.80 13.26 6.22
CA ILE B 520 -18.02 13.35 5.45
C ILE B 520 -18.30 12.15 4.53
N ALA B 521 -19.58 11.84 4.37
CA ALA B 521 -20.03 10.70 3.56
C ALA B 521 -20.24 10.99 2.08
#